data_8HIJ
#
_entry.id   8HIJ
#
_cell.length_a   1.00
_cell.length_b   1.00
_cell.length_c   1.00
_cell.angle_alpha   90.00
_cell.angle_beta   90.00
_cell.angle_gamma   90.00
#
_symmetry.space_group_name_H-M   'P 1'
#
loop_
_entity.id
_entity.type
_entity.pdbx_description
1 polymer 'BRIL-SLC19A1 chimera'
2 polymer 'Anti-BRIL Fab heavy chain'
3 polymer 'Anti-Fab nanobody'
4 polymer 'Anti-BRIL Fab light chain'
5 non-polymer 'N-[4-({[(6S)-2-AMINO-4-HYDROXY-5-METHYL-5,6,7,8-TETRAHYDROPTERIDIN-6-YL]METHYL}AMINO)BENZOYL]-L-GLUTAMIC ACID'
#
loop_
_entity_poly.entity_id
_entity_poly.type
_entity_poly.pdbx_seq_one_letter_code
_entity_poly.pdbx_strand_id
1 'polypeptide(L)'
;GPSRATADLEDNWETLNDNLKVIEKADNAAQVKDALTKMRAAALDAQKATPPKLEDKSPDSPEMKDFRHGFDILVGQIDD
ALKLANEGKVKEAQAAAEQLKTTRNAYIQKYLSWRHLVCYLCFYGFMAQIRPGESFITPYLLGPDKNFTREQVTNEITPV
LSYSYLAVLVPVFLLTDYLRYTPVLLLQGLSFVSVWLLLLLGHSVAHMQLMELFYSVTMAARIAYSSYIFSLVRPARYQR
VAGYSRAAVLLGVFTSSVLGQLLVTVGRVSFSTLNYISLAFLTFSVVLALFLKRPKRSLFFNRDDRGRCETSASELERMN
PGPGGKLGHALRVACGDSVLARMLRELGDSLRRPQLRLWSLWWVFNSAGYYLVVYYVHILWNEVDPTTNSARVYNGAADA
ASTLLGAITSFAAGFVKIRWARWSKLLIAGVTATQAGLVFLLAHTRHPSSIWLCYAAFVLFRGSYQFLVPIATFQIASSL
SKELCALVFGVNTFFATIVKTIITFIVSDVRGLGLPVRKQFQLYSVYFLILSIIYFLGAMLDGLRHCQRGHHPRQPPAQG
LRSAAEEKAAQALSVQDKGLGGLQPAQSPPLSPEDSLGAVGPASLEQRQSDPYLAQAPAPQAAEFLSPVTTPSPCTLCSA
QASGPEAADETCPQLAVHPPGVSKLGLQCLPSDGVQNVNQSNS
;
A
2 'polypeptide(L)'
;MGWSLILLFLVAVATRVLSEISEVQLVESGGGLVQPGGSLRLSCAASGFNVVDFSLHWVRQAPGKGLEWVAYISSSSGST
SYADSVKGRFTISADTSKNTAYLQMNSLRAEDTAVYYCARWGYWPGEPWWKAFDYWGQGTLVTVSSASTKGPSVFPLAPS
SKSTSGGTAALGCLVKDYFPEPVTVSWNSGALTSGVHTFPAVLQSSGLYSLSSVVTVPSSSLGTQTYICNVNHKPSNTKV
DKKVEPKSCDKSNSLEVLFQ
;
H
3 'polypeptide(L)'
;MKYLLPTAAAGLLLLAAQPAMAGSQVQLQESGGGLVQPGGSLRLSCAASGRTISRYAMSWFRQAPGKEREFVAVARRSGD
GAFYADSVQGRFTVSRDDAKNTVYLQMNSLKPEDTAVYYCAIDSDTFYSGSYDYWGQGTQVTVSSLEHHHHHH
;
N
4 'polypeptide(L)'
;MGWSCIILFLVATATGVHSSDIQMTQSPSSLSASVGDRVTITCRASQSVSSAVAWYQQKPGKAPKLLIYSASSLYSGVPS
RFSGSRSGTDFTLTISSLQPEDFATYYCQQYLYYSLVTFGQGTKVEIKRTVAAPSVFIFPPSDSQLKSGTASVVCLLNNF
YPREAKVQWKVDNALQSGNSQESVTEQDSKDSTYSLSSTLTLSKADYEKHKVYACEVTHQGLSSPVTKSFNRGEC
;
L
#
loop_
_chem_comp.id
_chem_comp.type
_chem_comp.name
_chem_comp.formula
THH non-polymer 'N-[4-({[(6S)-2-AMINO-4-HYDROXY-5-METHYL-5,6,7,8-TETRAHYDROPTERIDIN-6-YL]METHYL}AMINO)BENZOYL]-L-GLUTAMIC ACID' 'C20 H25 N7 O6'
#
# COMPACT_ATOMS: atom_id res chain seq x y z
N ALA A 7 -8.95 -3.83 7.62
CA ALA A 7 -7.75 -3.30 8.25
C ALA A 7 -8.04 -1.97 8.93
N ASP A 8 -9.28 -1.81 9.41
CA ASP A 8 -9.67 -0.56 10.05
C ASP A 8 -9.22 -0.54 11.51
N LEU A 9 -9.75 -1.43 12.33
CA LEU A 9 -9.40 -1.46 13.75
C LEU A 9 -9.00 -2.85 14.22
N GLU A 10 -9.62 -3.90 13.71
CA GLU A 10 -9.42 -5.24 14.26
C GLU A 10 -8.09 -5.83 13.83
N ASP A 11 -7.65 -5.54 12.60
CA ASP A 11 -6.37 -6.07 12.14
C ASP A 11 -5.19 -5.39 12.83
N ASN A 12 -5.38 -4.14 13.26
CA ASN A 12 -4.36 -3.48 14.08
C ASN A 12 -4.22 -4.17 15.43
N TRP A 13 -5.35 -4.58 16.04
CA TRP A 13 -5.28 -5.34 17.28
C TRP A 13 -4.72 -6.74 17.05
N GLU A 14 -4.96 -7.33 15.87
CA GLU A 14 -4.40 -8.64 15.58
C GLU A 14 -2.89 -8.59 15.41
N THR A 15 -2.37 -7.59 14.67
CA THR A 15 -0.93 -7.47 14.57
C THR A 15 -0.31 -6.96 15.87
N LEU A 16 -1.08 -6.28 16.73
CA LEU A 16 -0.60 -5.93 18.06
C LEU A 16 -0.44 -7.18 18.92
N ASN A 17 -1.40 -8.10 18.85
CA ASN A 17 -1.30 -9.36 19.59
C ASN A 17 -0.18 -10.23 19.05
N ASP A 18 0.02 -10.20 17.72
CA ASP A 18 1.12 -10.95 17.12
C ASP A 18 2.47 -10.38 17.53
N ASN A 19 2.59 -9.05 17.61
CA ASN A 19 3.84 -8.44 18.05
C ASN A 19 4.05 -8.66 19.54
N LEU A 20 2.96 -8.75 20.32
CA LEU A 20 3.07 -9.16 21.72
C LEU A 20 3.60 -10.58 21.84
N LYS A 21 3.15 -11.49 20.96
CA LYS A 21 3.68 -12.85 20.95
C LYS A 21 5.14 -12.88 20.50
N VAL A 22 5.54 -11.93 19.65
CA VAL A 22 6.96 -11.81 19.29
C VAL A 22 7.79 -11.35 20.48
N ILE A 23 7.27 -10.36 21.23
CA ILE A 23 8.03 -9.80 22.34
C ILE A 23 8.12 -10.79 23.51
N GLU A 24 7.04 -11.53 23.78
CA GLU A 24 6.93 -12.28 25.04
C GLU A 24 7.83 -13.50 25.05
N LYS A 25 7.62 -14.44 24.12
CA LYS A 25 8.29 -15.72 24.16
C LYS A 25 9.69 -15.70 23.52
N ALA A 26 10.23 -14.52 23.21
CA ALA A 26 11.55 -14.40 22.63
C ALA A 26 12.44 -13.53 23.52
N ASP A 27 13.67 -13.97 23.70
CA ASP A 27 14.67 -13.24 24.47
C ASP A 27 15.39 -12.24 23.58
N ASN A 28 16.51 -11.70 24.07
CA ASN A 28 17.38 -10.75 23.38
C ASN A 28 16.59 -9.48 23.01
N ALA A 29 16.22 -8.74 24.06
CA ALA A 29 15.41 -7.54 23.94
C ALA A 29 16.20 -6.30 23.52
N ALA A 30 17.39 -6.45 22.95
CA ALA A 30 18.10 -5.32 22.37
C ALA A 30 17.54 -4.94 21.00
N GLN A 31 16.79 -5.83 20.35
CA GLN A 31 16.20 -5.56 19.05
C GLN A 31 14.67 -5.62 19.07
N VAL A 32 14.06 -5.41 20.23
CA VAL A 32 12.61 -5.32 20.30
C VAL A 32 12.19 -3.85 20.20
N LYS A 33 13.15 -2.99 19.88
CA LYS A 33 12.85 -1.59 19.57
C LYS A 33 11.96 -1.48 18.34
N ASP A 34 12.26 -2.27 17.31
CA ASP A 34 11.39 -2.36 16.14
C ASP A 34 10.04 -2.96 16.51
N ALA A 35 10.05 -3.93 17.43
CA ALA A 35 8.82 -4.54 17.89
C ALA A 35 7.96 -3.55 18.66
N LEU A 36 8.57 -2.78 19.57
CA LEU A 36 7.82 -1.80 20.33
C LEU A 36 7.36 -0.62 19.47
N THR A 37 8.12 -0.26 18.43
CA THR A 37 7.64 0.84 17.60
C THR A 37 6.56 0.38 16.62
N LYS A 38 6.53 -0.91 16.26
CA LYS A 38 5.38 -1.42 15.52
C LYS A 38 4.16 -1.53 16.42
N MET A 39 4.38 -1.88 17.71
CA MET A 39 3.32 -1.81 18.71
C MET A 39 2.75 -0.40 18.84
N ARG A 40 3.63 0.60 18.86
CA ARG A 40 3.20 1.99 18.98
C ARG A 40 2.44 2.45 17.73
N ALA A 41 2.90 2.02 16.55
CA ALA A 41 2.20 2.38 15.32
C ALA A 41 0.82 1.73 15.24
N ALA A 42 0.71 0.47 15.65
CA ALA A 42 -0.59 -0.19 15.66
C ALA A 42 -1.50 0.37 16.75
N ALA A 43 -0.92 0.93 17.82
CA ALA A 43 -1.74 1.55 18.85
C ALA A 43 -2.25 2.91 18.42
N LEU A 44 -1.40 3.73 17.79
CA LEU A 44 -1.84 5.05 17.33
C LEU A 44 -2.74 4.95 16.10
N ASP A 45 -2.61 3.89 15.32
CA ASP A 45 -3.48 3.71 14.16
C ASP A 45 -4.88 3.28 14.56
N ALA A 46 -5.05 2.67 15.73
CA ALA A 46 -6.32 2.13 16.18
C ALA A 46 -6.92 2.96 17.31
N GLN A 47 -6.81 4.28 17.23
CA GLN A 47 -7.40 5.16 18.23
C GLN A 47 -8.70 5.81 17.76
N LYS A 48 -8.76 6.23 16.50
CA LYS A 48 -9.94 6.90 15.94
C LYS A 48 -10.55 6.09 14.79
N ALA A 49 -10.44 4.77 14.86
CA ALA A 49 -10.71 3.89 13.71
C ALA A 49 -12.16 3.42 13.65
N THR A 50 -13.12 4.19 14.21
CA THR A 50 -14.56 4.01 14.13
C THR A 50 -15.03 2.62 14.56
N PRO A 51 -15.07 2.33 15.87
CA PRO A 51 -15.49 1.00 16.32
C PRO A 51 -16.96 0.76 16.01
N PRO A 52 -17.36 -0.51 15.80
CA PRO A 52 -18.78 -0.78 15.50
C PRO A 52 -19.69 -0.57 16.68
N LYS A 53 -19.24 -0.90 17.90
CA LYS A 53 -20.02 -0.63 19.09
C LYS A 53 -20.11 0.87 19.35
N LEU A 54 -19.06 1.61 19.05
CA LEU A 54 -19.06 3.06 19.19
C LEU A 54 -19.82 3.74 18.04
N GLU A 55 -20.07 3.03 16.94
CA GLU A 55 -20.76 3.62 15.79
C GLU A 55 -22.21 3.93 16.12
N ASP A 56 -22.87 3.11 16.94
CA ASP A 56 -24.24 3.39 17.35
C ASP A 56 -24.32 4.54 18.34
N LYS A 57 -23.22 4.91 18.97
CA LYS A 57 -23.18 6.01 19.92
C LYS A 57 -22.72 7.29 19.23
N SER A 58 -23.22 8.42 19.72
CA SER A 58 -22.85 9.72 19.17
C SER A 58 -21.44 10.11 19.61
N PRO A 59 -20.69 10.80 18.76
CA PRO A 59 -19.35 11.26 19.15
C PRO A 59 -19.43 12.42 20.13
N ASP A 60 -18.26 12.73 20.71
CA ASP A 60 -18.09 13.73 21.77
C ASP A 60 -18.99 13.42 22.97
N SER A 61 -19.07 12.15 23.34
CA SER A 61 -19.86 11.64 24.45
C SER A 61 -18.94 11.22 25.59
N PRO A 62 -19.42 11.28 26.84
CA PRO A 62 -18.56 10.86 27.96
C PRO A 62 -18.31 9.36 28.02
N GLU A 63 -19.08 8.55 27.30
CA GLU A 63 -18.79 7.13 27.16
C GLU A 63 -17.76 6.85 26.06
N MET A 64 -17.39 7.87 25.29
CA MET A 64 -16.36 7.74 24.25
C MET A 64 -14.99 8.19 24.74
N LYS A 65 -14.94 9.13 25.70
CA LYS A 65 -13.67 9.60 26.25
C LYS A 65 -12.93 8.52 27.03
N ASP A 66 -13.64 7.49 27.51
CA ASP A 66 -12.97 6.37 28.16
C ASP A 66 -12.15 5.56 27.16
N PHE A 67 -12.65 5.43 25.93
CA PHE A 67 -11.94 4.70 24.87
C PHE A 67 -10.64 5.39 24.49
N ARG A 68 -10.72 6.70 24.22
CA ARG A 68 -9.54 7.48 23.89
C ARG A 68 -8.59 7.61 25.08
N HIS A 69 -9.11 7.69 26.29
CA HIS A 69 -8.25 7.78 27.48
C HIS A 69 -7.54 6.46 27.74
N GLY A 70 -8.20 5.34 27.46
CA GLY A 70 -7.56 4.04 27.59
C GLY A 70 -6.47 3.83 26.56
N PHE A 71 -6.70 4.26 25.32
CA PHE A 71 -5.61 4.19 24.34
C PHE A 71 -4.50 5.18 24.63
N ASP A 72 -4.82 6.33 25.23
CA ASP A 72 -3.78 7.28 25.61
C ASP A 72 -2.89 6.71 26.72
N ILE A 73 -3.50 6.08 27.73
CA ILE A 73 -2.68 5.50 28.80
C ILE A 73 -1.96 4.24 28.30
N LEU A 74 -2.49 3.56 27.29
CA LEU A 74 -1.78 2.43 26.69
C LEU A 74 -0.53 2.89 25.94
N VAL A 75 -0.66 3.95 25.14
CA VAL A 75 0.50 4.49 24.43
C VAL A 75 1.48 5.12 25.42
N GLY A 76 0.98 5.65 26.54
CA GLY A 76 1.88 6.11 27.59
C GLY A 76 2.67 4.98 28.25
N GLN A 77 2.03 3.83 28.44
CA GLN A 77 2.76 2.68 28.95
C GLN A 77 3.74 2.12 27.92
N ILE A 78 3.41 2.24 26.63
CA ILE A 78 4.38 1.89 25.58
C ILE A 78 5.58 2.83 25.62
N ASP A 79 5.33 4.12 25.90
CA ASP A 79 6.42 5.09 26.11
C ASP A 79 7.28 4.70 27.30
N ASP A 80 6.64 4.33 28.42
CA ASP A 80 7.40 3.96 29.61
C ASP A 80 8.16 2.64 29.43
N ALA A 81 7.69 1.78 28.53
CA ALA A 81 8.40 0.55 28.23
C ALA A 81 9.60 0.81 27.32
N LEU A 82 9.39 1.57 26.25
CA LEU A 82 10.45 1.84 25.28
C LEU A 82 11.48 2.83 25.82
N LYS A 83 11.12 3.61 26.85
CA LYS A 83 12.08 4.48 27.51
C LYS A 83 13.17 3.67 28.22
N LEU A 84 12.78 2.59 28.88
CA LEU A 84 13.73 1.72 29.55
C LEU A 84 14.27 0.63 28.64
N ALA A 85 13.61 0.37 27.50
CA ALA A 85 14.12 -0.63 26.57
C ALA A 85 15.32 -0.12 25.79
N ASN A 86 15.39 1.20 25.56
CA ASN A 86 16.49 1.79 24.82
C ASN A 86 17.72 2.06 25.68
N GLU A 87 17.59 1.97 27.00
CA GLU A 87 18.69 2.22 27.92
C GLU A 87 19.50 0.97 28.25
N GLY A 88 19.34 -0.09 27.46
CA GLY A 88 20.07 -1.32 27.68
C GLY A 88 19.41 -2.30 28.61
N LYS A 89 18.36 -1.90 29.33
CA LYS A 89 17.63 -2.80 30.21
C LYS A 89 16.77 -3.72 29.36
N VAL A 90 17.13 -5.01 29.32
CA VAL A 90 16.40 -5.97 28.50
C VAL A 90 15.34 -6.72 29.29
N LYS A 91 15.18 -6.45 30.57
CA LYS A 91 14.22 -7.15 31.42
C LYS A 91 12.87 -6.43 31.50
N GLU A 92 12.69 -5.33 30.77
CA GLU A 92 11.46 -4.56 30.82
C GLU A 92 10.41 -5.03 29.82
N ALA A 93 10.73 -6.02 28.99
CA ALA A 93 9.73 -6.57 28.08
C ALA A 93 8.66 -7.32 28.84
N GLN A 94 9.02 -8.00 29.92
CA GLN A 94 8.03 -8.64 30.78
C GLN A 94 7.16 -7.60 31.49
N ALA A 95 7.74 -6.46 31.85
CA ALA A 95 6.96 -5.37 32.43
C ALA A 95 5.97 -4.80 31.40
N ALA A 96 6.41 -4.69 30.15
CA ALA A 96 5.51 -4.24 29.08
C ALA A 96 4.39 -5.25 28.84
N ALA A 97 4.70 -6.54 28.93
CA ALA A 97 3.69 -7.57 28.76
C ALA A 97 2.68 -7.55 29.90
N GLU A 98 3.14 -7.33 31.14
CA GLU A 98 2.22 -7.25 32.27
C GLU A 98 1.37 -5.99 32.20
N GLN A 99 1.93 -4.87 31.72
CA GLN A 99 1.14 -3.66 31.56
C GLN A 99 0.10 -3.81 30.45
N LEU A 100 0.46 -4.51 29.37
CA LEU A 100 -0.51 -4.81 28.31
C LEU A 100 -1.60 -5.75 28.82
N LYS A 101 -1.24 -6.69 29.70
CA LYS A 101 -2.23 -7.58 30.30
C LYS A 101 -3.21 -6.82 31.18
N THR A 102 -2.70 -5.87 31.98
CA THR A 102 -3.59 -5.07 32.83
C THR A 102 -4.49 -4.16 31.99
N THR A 103 -3.97 -3.60 30.89
CA THR A 103 -4.83 -2.78 30.05
C THR A 103 -5.84 -3.61 29.27
N ARG A 104 -5.50 -4.86 28.92
CA ARG A 104 -6.47 -5.76 28.32
C ARG A 104 -7.57 -6.11 29.31
N ASN A 105 -7.21 -6.28 30.59
CA ASN A 105 -8.22 -6.55 31.61
C ASN A 105 -9.08 -5.32 31.88
N ALA A 106 -8.51 -4.12 31.77
CA ALA A 106 -9.18 -2.90 32.22
C ALA A 106 -9.94 -2.17 31.12
N TYR A 107 -9.24 -1.73 30.07
CA TYR A 107 -9.73 -0.62 29.25
C TYR A 107 -10.13 -0.98 27.83
N ILE A 108 -9.37 -1.83 27.14
CA ILE A 108 -9.57 -2.00 25.70
C ILE A 108 -10.76 -2.93 25.42
N GLN A 109 -10.78 -4.11 26.05
CA GLN A 109 -11.74 -5.16 25.71
C GLN A 109 -13.17 -4.85 26.15
N LYS A 110 -13.38 -3.79 26.93
CA LYS A 110 -14.75 -3.44 27.32
C LYS A 110 -15.54 -2.90 26.13
N TYR A 111 -14.88 -2.15 25.24
CA TYR A 111 -15.52 -1.62 24.06
C TYR A 111 -15.27 -2.46 22.81
N LEU A 112 -14.44 -3.49 22.91
CA LEU A 112 -14.18 -4.38 21.79
C LEU A 112 -15.20 -5.52 21.79
N SER A 113 -14.95 -6.52 20.95
CA SER A 113 -15.90 -7.60 20.75
C SER A 113 -15.54 -8.79 21.66
N TRP A 114 -16.22 -9.92 21.44
CA TRP A 114 -15.94 -11.12 22.20
C TRP A 114 -14.64 -11.75 21.72
N ARG A 115 -13.83 -12.23 22.68
CA ARG A 115 -12.48 -12.68 22.41
C ARG A 115 -12.38 -14.19 22.25
N HIS A 116 -13.50 -14.89 22.15
CA HIS A 116 -13.50 -16.32 21.87
C HIS A 116 -14.57 -16.66 20.84
N LEU A 117 -14.66 -15.84 19.78
CA LEU A 117 -15.69 -16.06 18.76
C LEU A 117 -15.39 -17.28 17.91
N VAL A 118 -14.12 -17.58 17.65
CA VAL A 118 -13.76 -18.75 16.85
C VAL A 118 -14.10 -20.03 17.63
N CYS A 119 -13.74 -20.07 18.92
CA CYS A 119 -14.06 -21.22 19.75
C CYS A 119 -15.55 -21.37 19.97
N TYR A 120 -16.29 -20.25 20.07
CA TYR A 120 -17.74 -20.35 20.27
C TYR A 120 -18.45 -20.80 19.00
N LEU A 121 -18.00 -20.34 17.84
CA LEU A 121 -18.59 -20.81 16.58
C LEU A 121 -18.26 -22.26 16.33
N CYS A 122 -17.05 -22.71 16.68
CA CYS A 122 -16.73 -24.13 16.57
C CYS A 122 -17.52 -24.97 17.56
N PHE A 123 -17.79 -24.43 18.76
CA PHE A 123 -18.59 -25.15 19.73
C PHE A 123 -20.05 -25.24 19.30
N TYR A 124 -20.57 -24.20 18.65
CA TYR A 124 -21.92 -24.26 18.12
C TYR A 124 -22.01 -25.20 16.93
N GLY A 125 -20.98 -25.21 16.08
CA GLY A 125 -20.97 -26.16 14.97
C GLY A 125 -20.80 -27.60 15.43
N PHE A 126 -20.18 -27.80 16.59
CA PHE A 126 -20.04 -29.14 17.14
C PHE A 126 -21.31 -29.59 17.86
N MET A 127 -22.00 -28.68 18.54
CA MET A 127 -23.12 -29.07 19.39
C MET A 127 -24.47 -28.99 18.70
N ALA A 128 -24.67 -28.07 17.75
CA ALA A 128 -25.95 -28.00 17.06
C ALA A 128 -26.12 -29.09 16.03
N GLN A 129 -25.04 -29.77 15.63
CA GLN A 129 -25.14 -30.90 14.72
C GLN A 129 -25.29 -32.23 15.44
N ILE A 130 -25.22 -32.25 16.77
CA ILE A 130 -25.44 -33.47 17.52
C ILE A 130 -26.95 -33.71 17.58
N ARG A 131 -27.41 -34.67 16.78
CA ARG A 131 -28.79 -35.14 16.79
C ARG A 131 -28.69 -36.65 16.85
N PRO A 132 -28.59 -37.22 18.05
CA PRO A 132 -28.21 -38.64 18.17
C PRO A 132 -29.30 -39.61 17.78
N GLY A 133 -30.50 -39.15 17.48
CA GLY A 133 -31.52 -40.02 16.92
C GLY A 133 -31.78 -39.70 15.46
N GLU A 134 -30.73 -39.38 14.71
CA GLU A 134 -30.89 -39.00 13.31
C GLU A 134 -31.15 -40.22 12.44
N SER A 135 -30.19 -41.14 12.38
CA SER A 135 -30.30 -42.32 11.52
C SER A 135 -31.22 -43.39 12.07
N PHE A 136 -31.75 -43.21 13.29
CA PHE A 136 -32.65 -44.16 13.90
C PHE A 136 -34.10 -43.71 13.87
N ILE A 137 -34.44 -42.81 12.93
CA ILE A 137 -35.83 -42.42 12.74
C ILE A 137 -36.62 -43.54 12.08
N THR A 138 -36.05 -44.16 11.05
CA THR A 138 -36.69 -45.25 10.33
C THR A 138 -36.86 -46.52 11.17
N PRO A 139 -35.90 -46.94 12.03
CA PRO A 139 -36.26 -48.02 12.97
C PRO A 139 -37.26 -47.61 14.03
N TYR A 140 -37.35 -46.32 14.36
CA TYR A 140 -38.36 -45.88 15.32
C TYR A 140 -39.76 -45.89 14.72
N LEU A 141 -39.86 -45.59 13.42
CA LEU A 141 -41.14 -45.61 12.75
C LEU A 141 -41.61 -47.01 12.40
N LEU A 142 -40.71 -48.00 12.42
CA LEU A 142 -41.10 -49.36 12.05
C LEU A 142 -40.88 -50.33 13.20
N GLY A 143 -41.27 -49.94 14.40
CA GLY A 143 -41.13 -50.79 15.56
C GLY A 143 -42.46 -51.01 16.27
N PRO A 144 -42.43 -51.73 17.39
CA PRO A 144 -43.67 -51.91 18.18
C PRO A 144 -44.11 -50.66 18.92
N ASP A 145 -43.29 -49.61 18.96
CA ASP A 145 -43.67 -48.41 19.69
C ASP A 145 -44.72 -47.59 18.94
N LYS A 146 -44.65 -47.56 17.61
CA LYS A 146 -45.58 -46.78 16.81
C LYS A 146 -46.35 -47.62 15.80
N ASN A 147 -45.76 -48.71 15.28
CA ASN A 147 -46.40 -49.69 14.40
C ASN A 147 -46.92 -49.04 13.11
N PHE A 148 -46.00 -48.51 12.32
CA PHE A 148 -46.27 -48.06 10.96
C PHE A 148 -45.66 -49.05 9.98
N THR A 149 -46.40 -49.35 8.91
CA THR A 149 -45.97 -50.35 7.96
C THR A 149 -44.91 -49.78 7.02
N ARG A 150 -44.40 -50.64 6.13
CA ARG A 150 -43.41 -50.20 5.16
C ARG A 150 -44.05 -49.34 4.07
N GLU A 151 -45.29 -49.64 3.70
CA GLU A 151 -45.95 -48.88 2.63
C GLU A 151 -46.30 -47.48 3.08
N GLN A 152 -46.76 -47.33 4.34
CA GLN A 152 -47.15 -46.01 4.83
C GLN A 152 -45.95 -45.09 5.02
N VAL A 153 -44.77 -45.64 5.30
CA VAL A 153 -43.57 -44.83 5.41
C VAL A 153 -42.88 -44.67 4.05
N THR A 154 -43.17 -45.55 3.10
CA THR A 154 -42.53 -45.50 1.79
C THR A 154 -43.23 -44.54 0.84
N ASN A 155 -44.55 -44.70 0.69
CA ASN A 155 -45.28 -44.00 -0.37
C ASN A 155 -46.12 -42.83 0.14
N GLU A 156 -46.02 -42.48 1.42
CA GLU A 156 -46.93 -41.45 1.92
C GLU A 156 -46.22 -40.41 2.77
N ILE A 157 -45.08 -40.76 3.37
CA ILE A 157 -44.41 -39.82 4.27
C ILE A 157 -43.25 -39.11 3.58
N THR A 158 -42.23 -39.87 3.16
CA THR A 158 -41.06 -39.27 2.54
C THR A 158 -41.23 -38.61 1.16
N PRO A 159 -42.21 -38.96 0.29
CA PRO A 159 -42.47 -38.05 -0.85
C PRO A 159 -42.97 -36.68 -0.43
N VAL A 160 -43.68 -36.58 0.70
CA VAL A 160 -44.10 -35.27 1.19
C VAL A 160 -42.88 -34.47 1.67
N LEU A 161 -41.85 -35.16 2.18
CA LEU A 161 -40.58 -34.50 2.42
C LEU A 161 -39.95 -34.00 1.12
N SER A 162 -40.04 -34.80 0.06
CA SER A 162 -39.50 -34.40 -1.23
C SER A 162 -40.24 -33.19 -1.81
N TYR A 163 -41.55 -33.12 -1.61
CA TYR A 163 -42.30 -31.94 -2.06
C TYR A 163 -42.08 -30.73 -1.16
N SER A 164 -41.94 -30.96 0.15
CA SER A 164 -41.78 -29.85 1.08
C SER A 164 -40.42 -29.18 0.95
N TYR A 165 -39.39 -29.94 0.57
CA TYR A 165 -38.10 -29.32 0.31
C TYR A 165 -38.13 -28.43 -0.92
N LEU A 166 -39.07 -28.67 -1.85
CA LEU A 166 -39.31 -27.70 -2.91
C LEU A 166 -40.17 -26.54 -2.40
N ALA A 167 -41.11 -26.84 -1.50
CA ALA A 167 -42.06 -25.82 -1.05
C ALA A 167 -41.41 -24.76 -0.17
N VAL A 168 -40.35 -25.11 0.57
CA VAL A 168 -39.73 -24.16 1.48
C VAL A 168 -38.34 -23.73 1.02
N LEU A 169 -37.95 -24.05 -0.21
CA LEU A 169 -36.59 -23.74 -0.63
C LEU A 169 -36.42 -22.25 -0.92
N VAL A 170 -37.24 -21.69 -1.80
CA VAL A 170 -37.12 -20.30 -2.20
C VAL A 170 -37.63 -19.32 -1.13
N PRO A 171 -38.85 -19.42 -0.55
CA PRO A 171 -39.30 -18.33 0.33
C PRO A 171 -38.58 -18.26 1.66
N VAL A 172 -38.18 -19.39 2.22
CA VAL A 172 -37.44 -19.38 3.49
C VAL A 172 -36.05 -18.79 3.27
N PHE A 173 -35.43 -19.08 2.12
CA PHE A 173 -34.12 -18.49 1.81
C PHE A 173 -34.23 -17.01 1.51
N LEU A 174 -35.34 -16.58 0.89
CA LEU A 174 -35.55 -15.17 0.60
C LEU A 174 -35.82 -14.39 1.88
N LEU A 175 -36.55 -14.97 2.82
CA LEU A 175 -36.70 -14.36 4.14
C LEU A 175 -35.43 -14.47 4.96
N THR A 176 -34.58 -15.45 4.64
CA THR A 176 -33.34 -15.66 5.37
C THR A 176 -32.30 -14.60 5.04
N ASP A 177 -32.17 -14.25 3.76
CA ASP A 177 -31.18 -13.28 3.32
C ASP A 177 -31.44 -11.87 3.87
N TYR A 178 -32.67 -11.59 4.31
CA TYR A 178 -33.00 -10.26 4.82
C TYR A 178 -32.85 -10.15 6.33
N LEU A 179 -33.05 -11.23 7.08
CA LEU A 179 -33.12 -11.16 8.53
C LEU A 179 -31.78 -11.35 9.22
N ARG A 180 -30.67 -11.31 8.47
CA ARG A 180 -29.29 -11.33 8.99
C ARG A 180 -28.96 -12.59 9.78
N TYR A 181 -29.64 -13.69 9.46
CA TYR A 181 -29.21 -15.08 9.67
C TYR A 181 -29.23 -15.57 11.11
N THR A 182 -29.50 -14.71 12.09
CA THR A 182 -29.64 -15.17 13.47
C THR A 182 -31.06 -15.63 13.83
N PRO A 183 -32.15 -14.90 13.50
CA PRO A 183 -33.48 -15.49 13.75
C PRO A 183 -33.79 -16.68 12.86
N VAL A 184 -33.06 -16.85 11.75
CA VAL A 184 -33.21 -18.04 10.93
C VAL A 184 -32.68 -19.26 11.69
N LEU A 185 -31.54 -19.11 12.37
CA LEU A 185 -31.03 -20.19 13.21
C LEU A 185 -31.92 -20.42 14.43
N LEU A 186 -32.55 -19.36 14.95
CA LEU A 186 -33.50 -19.54 16.04
C LEU A 186 -34.73 -20.32 15.59
N LEU A 187 -35.25 -19.99 14.40
CA LEU A 187 -36.37 -20.73 13.82
C LEU A 187 -35.97 -22.16 13.48
N GLN A 188 -34.70 -22.37 13.11
CA GLN A 188 -34.20 -23.73 12.86
C GLN A 188 -34.16 -24.55 14.14
N GLY A 189 -33.72 -23.95 15.24
CA GLY A 189 -33.71 -24.67 16.52
C GLY A 189 -35.10 -24.99 17.01
N LEU A 190 -36.03 -24.03 16.88
CA LEU A 190 -37.44 -24.30 17.17
C LEU A 190 -38.01 -25.37 16.25
N SER A 191 -37.53 -25.43 15.01
CA SER A 191 -38.00 -26.45 14.09
C SER A 191 -37.48 -27.84 14.46
N PHE A 192 -36.24 -27.93 14.97
CA PHE A 192 -35.76 -29.21 15.48
C PHE A 192 -36.56 -29.67 16.70
N VAL A 193 -36.93 -28.71 17.58
CA VAL A 193 -37.82 -29.01 18.70
C VAL A 193 -39.16 -29.53 18.19
N SER A 194 -39.70 -28.91 17.15
CA SER A 194 -40.99 -29.34 16.59
C SER A 194 -40.89 -30.72 15.93
N VAL A 195 -39.77 -31.00 15.26
CA VAL A 195 -39.59 -32.29 14.58
C VAL A 195 -39.49 -33.42 15.58
N TRP A 196 -38.68 -33.27 16.62
CA TRP A 196 -38.60 -34.35 17.59
C TRP A 196 -39.81 -34.43 18.53
N LEU A 197 -40.57 -33.35 18.71
CA LEU A 197 -41.83 -33.50 19.45
C LEU A 197 -42.91 -34.17 18.62
N LEU A 198 -42.95 -33.91 17.30
CA LEU A 198 -43.89 -34.63 16.45
C LEU A 198 -43.45 -36.07 16.20
N LEU A 199 -42.15 -36.35 16.33
CA LEU A 199 -41.69 -37.73 16.27
C LEU A 199 -42.05 -38.47 17.56
N LEU A 200 -41.98 -37.79 18.70
CA LEU A 200 -42.44 -38.40 19.95
C LEU A 200 -43.96 -38.44 20.03
N LEU A 201 -44.60 -37.27 20.04
CA LEU A 201 -46.04 -37.18 20.17
C LEU A 201 -46.69 -37.29 18.79
N GLY A 202 -46.69 -38.52 18.28
CA GLY A 202 -47.28 -38.80 16.99
C GLY A 202 -47.79 -40.22 16.88
N HIS A 203 -49.05 -40.37 16.44
CA HIS A 203 -49.66 -41.69 16.34
C HIS A 203 -50.17 -42.03 14.95
N SER A 204 -50.32 -41.05 14.07
CA SER A 204 -50.84 -41.28 12.73
C SER A 204 -49.81 -40.91 11.68
N VAL A 205 -50.23 -40.99 10.41
CA VAL A 205 -49.33 -40.66 9.32
C VAL A 205 -49.19 -39.15 9.17
N ALA A 206 -50.25 -38.39 9.47
CA ALA A 206 -50.22 -36.94 9.32
C ALA A 206 -49.30 -36.27 10.33
N HIS A 207 -49.09 -36.89 11.49
CA HIS A 207 -48.15 -36.37 12.47
C HIS A 207 -46.72 -36.41 11.94
N MET A 208 -46.32 -37.55 11.37
CA MET A 208 -45.00 -37.65 10.78
C MET A 208 -44.90 -36.87 9.47
N GLN A 209 -46.03 -36.64 8.80
CA GLN A 209 -46.07 -35.78 7.63
C GLN A 209 -45.73 -34.33 8.01
N LEU A 210 -46.37 -33.82 9.06
CA LEU A 210 -46.05 -32.49 9.57
C LEU A 210 -44.64 -32.44 10.15
N MET A 211 -44.17 -33.56 10.70
CA MET A 211 -42.78 -33.66 11.16
C MET A 211 -41.79 -33.47 10.02
N GLU A 212 -42.04 -34.11 8.88
CA GLU A 212 -41.16 -33.92 7.72
C GLU A 212 -41.32 -32.53 7.12
N LEU A 213 -42.52 -31.94 7.23
CA LEU A 213 -42.73 -30.57 6.78
C LEU A 213 -41.90 -29.58 7.58
N PHE A 214 -41.82 -29.78 8.90
CA PHE A 214 -40.91 -28.95 9.69
C PHE A 214 -39.44 -29.33 9.46
N TYR A 215 -39.17 -30.58 9.10
CA TYR A 215 -37.79 -31.01 8.90
C TYR A 215 -37.18 -30.48 7.60
N SER A 216 -38.02 -30.14 6.62
CA SER A 216 -37.52 -29.59 5.37
C SER A 216 -36.79 -28.25 5.56
N VAL A 217 -37.25 -27.44 6.52
CA VAL A 217 -36.61 -26.14 6.77
C VAL A 217 -35.23 -26.33 7.37
N THR A 218 -35.10 -27.27 8.32
CA THR A 218 -33.81 -27.58 8.90
C THR A 218 -32.87 -28.22 7.89
N MET A 219 -33.42 -28.98 6.94
CA MET A 219 -32.59 -29.53 5.88
C MET A 219 -32.17 -28.46 4.87
N ALA A 220 -32.95 -27.39 4.73
CA ALA A 220 -32.63 -26.33 3.79
C ALA A 220 -31.80 -25.20 4.39
N ALA A 221 -31.61 -25.15 5.71
CA ALA A 221 -30.89 -24.05 6.35
C ALA A 221 -29.37 -24.22 6.36
N ARG A 222 -28.85 -25.18 5.62
CA ARG A 222 -27.41 -25.37 5.58
C ARG A 222 -26.77 -24.13 4.99
N ILE A 223 -27.15 -23.81 3.75
CA ILE A 223 -26.63 -22.64 3.04
C ILE A 223 -26.81 -21.39 3.89
N ALA A 224 -27.88 -21.32 4.67
CA ALA A 224 -28.10 -20.21 5.59
C ALA A 224 -27.04 -20.16 6.67
N TYR A 225 -26.65 -21.31 7.22
CA TYR A 225 -25.59 -21.33 8.24
C TYR A 225 -24.23 -20.97 7.64
N SER A 226 -23.96 -21.42 6.41
CA SER A 226 -22.71 -21.05 5.75
C SER A 226 -22.65 -19.56 5.45
N SER A 227 -23.78 -18.97 5.04
CA SER A 227 -23.82 -17.53 4.82
C SER A 227 -23.78 -16.75 6.13
N TYR A 228 -24.26 -17.34 7.23
CA TYR A 228 -24.07 -16.74 8.55
C TYR A 228 -22.61 -16.67 8.94
N ILE A 229 -21.86 -17.74 8.64
CA ILE A 229 -20.41 -17.75 8.86
C ILE A 229 -19.75 -16.68 7.99
N PHE A 230 -20.20 -16.55 6.74
CA PHE A 230 -19.63 -15.53 5.85
C PHE A 230 -19.95 -14.11 6.29
N SER A 231 -21.14 -13.90 6.87
CA SER A 231 -21.54 -12.55 7.26
C SER A 231 -20.96 -12.13 8.61
N LEU A 232 -20.71 -13.08 9.52
CA LEU A 232 -20.15 -12.71 10.81
C LEU A 232 -18.67 -12.41 10.73
N VAL A 233 -17.94 -13.10 9.86
CA VAL A 233 -16.48 -13.06 9.85
C VAL A 233 -16.02 -12.16 8.71
N ARG A 234 -14.99 -11.35 8.96
CA ARG A 234 -14.41 -10.48 7.96
C ARG A 234 -13.77 -11.28 6.83
N PRO A 235 -13.69 -10.71 5.63
CA PRO A 235 -13.05 -11.43 4.51
C PRO A 235 -11.55 -11.66 4.68
N ALA A 236 -10.87 -10.86 5.50
CA ALA A 236 -9.46 -11.10 5.79
C ALA A 236 -9.27 -12.19 6.84
N ARG A 237 -10.35 -12.71 7.41
CA ARG A 237 -10.31 -13.72 8.46
C ARG A 237 -11.08 -14.98 8.07
N TYR A 238 -11.83 -14.94 6.97
CA TYR A 238 -12.85 -15.94 6.67
C TYR A 238 -12.29 -17.32 6.33
N GLN A 239 -11.05 -17.40 5.82
CA GLN A 239 -10.53 -18.67 5.32
C GLN A 239 -10.31 -19.67 6.45
N ARG A 240 -9.49 -19.30 7.45
CA ARG A 240 -9.18 -20.20 8.55
C ARG A 240 -10.40 -20.45 9.43
N VAL A 241 -11.19 -19.41 9.68
CA VAL A 241 -12.38 -19.54 10.53
C VAL A 241 -13.42 -20.44 9.86
N ALA A 242 -13.61 -20.29 8.56
CA ALA A 242 -14.53 -21.15 7.82
C ALA A 242 -14.02 -22.58 7.76
N GLY A 243 -12.71 -22.77 7.67
CA GLY A 243 -12.15 -24.12 7.71
C GLY A 243 -12.38 -24.81 9.04
N TYR A 244 -12.12 -24.10 10.14
CA TYR A 244 -12.37 -24.67 11.45
C TYR A 244 -13.85 -24.87 11.72
N SER A 245 -14.72 -24.02 11.18
CA SER A 245 -16.15 -24.19 11.39
C SER A 245 -16.69 -25.38 10.60
N ARG A 246 -16.21 -25.58 9.37
CA ARG A 246 -16.62 -26.76 8.60
C ARG A 246 -16.09 -28.03 9.24
N ALA A 247 -14.86 -28.00 9.77
CA ALA A 247 -14.33 -29.14 10.50
C ALA A 247 -15.12 -29.41 11.77
N ALA A 248 -15.61 -28.35 12.44
CA ALA A 248 -16.40 -28.55 13.65
C ALA A 248 -17.78 -29.13 13.33
N VAL A 249 -18.37 -28.73 12.20
CA VAL A 249 -19.64 -29.31 11.77
C VAL A 249 -19.48 -30.78 11.41
N LEU A 250 -18.40 -31.12 10.70
CA LEU A 250 -18.15 -32.52 10.35
C LEU A 250 -17.86 -33.37 11.58
N LEU A 251 -17.10 -32.82 12.53
CA LEU A 251 -16.82 -33.52 13.78
C LEU A 251 -18.08 -33.68 14.62
N GLY A 252 -18.99 -32.70 14.57
CA GLY A 252 -20.25 -32.83 15.28
C GLY A 252 -21.17 -33.89 14.70
N VAL A 253 -21.21 -33.99 13.37
CA VAL A 253 -22.02 -35.02 12.72
C VAL A 253 -21.44 -36.41 13.01
N PHE A 254 -20.12 -36.56 12.93
CA PHE A 254 -19.49 -37.84 13.23
C PHE A 254 -19.67 -38.22 14.70
N THR A 255 -19.55 -37.24 15.62
CA THR A 255 -19.76 -37.49 17.03
C THR A 255 -21.21 -37.83 17.33
N SER A 256 -22.15 -37.25 16.57
CA SER A 256 -23.56 -37.61 16.71
C SER A 256 -23.82 -39.05 16.32
N SER A 257 -23.24 -39.50 15.21
CA SER A 257 -23.46 -40.89 14.79
C SER A 257 -22.76 -41.88 15.73
N VAL A 258 -21.58 -41.52 16.22
CA VAL A 258 -20.87 -42.39 17.16
C VAL A 258 -21.62 -42.47 18.50
N LEU A 259 -22.21 -41.34 18.93
CA LEU A 259 -23.02 -41.34 20.14
C LEU A 259 -24.30 -42.15 19.97
N GLY A 260 -24.87 -42.13 18.75
CA GLY A 260 -26.01 -42.97 18.47
C GLY A 260 -25.68 -44.45 18.53
N GLN A 261 -24.51 -44.84 18.00
CA GLN A 261 -24.10 -46.24 18.10
C GLN A 261 -23.77 -46.64 19.53
N LEU A 262 -23.19 -45.72 20.31
CA LEU A 262 -22.85 -46.05 21.69
C LEU A 262 -24.09 -46.13 22.58
N LEU A 263 -25.16 -45.40 22.23
CA LEU A 263 -26.38 -45.52 23.02
C LEU A 263 -27.22 -46.71 22.58
N VAL A 264 -27.33 -46.98 21.27
CA VAL A 264 -28.17 -48.06 20.81
C VAL A 264 -27.51 -49.41 21.03
N THR A 265 -26.29 -49.59 20.50
CA THR A 265 -25.65 -50.89 20.55
C THR A 265 -24.96 -51.14 21.89
N VAL A 266 -24.07 -50.24 22.29
CA VAL A 266 -23.28 -50.46 23.50
C VAL A 266 -24.11 -50.19 24.75
N GLY A 267 -24.74 -49.02 24.84
CA GLY A 267 -25.51 -48.66 26.02
C GLY A 267 -26.83 -49.37 26.15
N ARG A 268 -27.33 -49.96 25.05
CA ARG A 268 -28.61 -50.68 24.98
C ARG A 268 -29.78 -49.79 25.40
N VAL A 269 -29.72 -48.52 25.00
CA VAL A 269 -30.76 -47.56 25.35
C VAL A 269 -31.96 -47.76 24.44
N SER A 270 -33.16 -47.77 25.02
CA SER A 270 -34.39 -47.89 24.25
C SER A 270 -34.62 -46.63 23.42
N PHE A 271 -35.54 -46.75 22.45
CA PHE A 271 -35.75 -45.68 21.48
C PHE A 271 -36.42 -44.45 22.10
N SER A 272 -37.28 -44.64 23.09
CA SER A 272 -37.94 -43.50 23.73
C SER A 272 -36.95 -42.68 24.54
N THR A 273 -36.09 -43.36 25.32
CA THR A 273 -35.06 -42.67 26.07
C THR A 273 -34.01 -42.06 25.14
N LEU A 274 -33.75 -42.72 23.99
CA LEU A 274 -32.86 -42.17 22.97
C LEU A 274 -33.39 -40.87 22.42
N ASN A 275 -34.68 -40.82 22.09
CA ASN A 275 -35.28 -39.59 21.59
C ASN A 275 -35.41 -38.53 22.68
N TYR A 276 -35.54 -38.93 23.94
CA TYR A 276 -35.56 -37.97 25.04
C TYR A 276 -34.19 -37.30 25.21
N ILE A 277 -33.11 -38.09 25.14
CA ILE A 277 -31.77 -37.52 25.22
C ILE A 277 -31.46 -36.69 23.96
N SER A 278 -32.00 -37.10 22.81
CA SER A 278 -31.88 -36.31 21.60
C SER A 278 -32.57 -34.96 21.74
N LEU A 279 -33.76 -34.95 22.35
CA LEU A 279 -34.47 -33.68 22.59
C LEU A 279 -33.74 -32.84 23.63
N ALA A 280 -33.04 -33.47 24.58
CA ALA A 280 -32.22 -32.72 25.53
C ALA A 280 -31.07 -32.01 24.83
N PHE A 281 -30.37 -32.71 23.93
CA PHE A 281 -29.31 -32.07 23.14
C PHE A 281 -29.88 -31.00 22.21
N LEU A 282 -31.11 -31.17 21.72
CA LEU A 282 -31.74 -30.10 20.96
C LEU A 282 -32.06 -28.88 21.82
N THR A 283 -32.42 -29.08 23.09
CA THR A 283 -32.63 -27.94 23.98
C THR A 283 -31.32 -27.20 24.26
N PHE A 284 -30.21 -27.95 24.40
CA PHE A 284 -28.90 -27.30 24.50
C PHE A 284 -28.56 -26.53 23.24
N SER A 285 -28.94 -27.06 22.07
CA SER A 285 -28.73 -26.35 20.81
C SER A 285 -29.57 -25.09 20.72
N VAL A 286 -30.79 -25.13 21.25
CA VAL A 286 -31.65 -23.95 21.27
C VAL A 286 -31.09 -22.88 22.21
N VAL A 287 -30.51 -23.30 23.35
CA VAL A 287 -29.87 -22.35 24.26
C VAL A 287 -28.64 -21.71 23.61
N LEU A 288 -27.83 -22.52 22.90
CA LEU A 288 -26.68 -21.96 22.19
C LEU A 288 -27.09 -21.07 21.03
N ALA A 289 -28.25 -21.33 20.42
CA ALA A 289 -28.77 -20.42 19.41
C ALA A 289 -29.28 -19.13 20.04
N LEU A 290 -29.79 -19.19 21.27
CA LEU A 290 -30.19 -17.99 21.98
C LEU A 290 -29.00 -17.16 22.40
N PHE A 291 -27.84 -17.78 22.58
CA PHE A 291 -26.64 -17.07 23.00
C PHE A 291 -25.73 -16.71 21.83
N LEU A 292 -26.30 -16.36 20.67
CA LEU A 292 -25.50 -16.02 19.50
C LEU A 292 -25.28 -14.50 19.41
N LYS A 293 -24.57 -14.09 18.37
CA LYS A 293 -24.28 -12.68 18.10
C LYS A 293 -24.66 -12.37 16.66
N ARG A 294 -25.56 -11.42 16.48
CA ARG A 294 -26.11 -11.12 15.16
C ARG A 294 -25.23 -10.15 14.41
N PRO A 295 -24.88 -10.42 13.16
CA PRO A 295 -24.09 -9.48 12.37
C PRO A 295 -24.97 -8.37 11.80
N LYS A 296 -24.34 -7.51 11.01
CA LYS A 296 -25.03 -6.37 10.38
C LYS A 296 -25.14 -6.51 8.87
N ARG A 297 -24.14 -7.05 8.20
CA ARG A 297 -24.16 -7.18 6.76
C ARG A 297 -24.78 -8.51 6.35
N SER A 298 -25.29 -8.55 5.11
CA SER A 298 -25.87 -9.75 4.54
C SER A 298 -25.38 -9.87 3.10
N LEU A 299 -25.91 -10.85 2.38
CA LEU A 299 -25.47 -11.08 1.01
C LEU A 299 -26.13 -10.12 0.04
N PHE A 300 -27.46 -10.17 -0.06
CA PHE A 300 -28.19 -9.42 -1.07
C PHE A 300 -29.09 -8.35 -0.45
N PHE A 301 -28.81 -7.93 0.78
CA PHE A 301 -29.62 -6.89 1.41
C PHE A 301 -28.79 -5.88 2.20
N ASN A 302 -27.47 -5.93 2.11
CA ASN A 302 -26.61 -4.91 2.72
C ASN A 302 -25.46 -4.55 1.78
N VAL A 339 -24.21 -1.99 -9.41
CA VAL A 339 -23.91 -3.15 -8.57
C VAL A 339 -24.60 -4.39 -9.10
N LEU A 340 -25.93 -4.34 -9.19
CA LEU A 340 -26.70 -5.47 -9.69
C LEU A 340 -26.51 -5.66 -11.20
N ALA A 341 -26.34 -4.55 -11.93
CA ALA A 341 -26.16 -4.64 -13.38
C ALA A 341 -24.81 -5.27 -13.73
N ARG A 342 -23.78 -4.99 -12.93
CA ARG A 342 -22.49 -5.64 -13.12
C ARG A 342 -22.57 -7.13 -12.83
N MET A 343 -23.37 -7.51 -11.83
CA MET A 343 -23.56 -8.92 -11.52
C MET A 343 -24.32 -9.64 -12.64
N LEU A 344 -25.33 -8.98 -13.22
CA LEU A 344 -26.06 -9.56 -14.34
C LEU A 344 -25.19 -9.64 -15.59
N ARG A 345 -24.29 -8.67 -15.79
CA ARG A 345 -23.38 -8.71 -16.93
C ARG A 345 -22.36 -9.83 -16.77
N GLU A 346 -21.81 -10.01 -15.58
CA GLU A 346 -20.88 -11.11 -15.34
C GLU A 346 -21.59 -12.46 -15.32
N LEU A 347 -22.89 -12.49 -15.05
CA LEU A 347 -23.65 -13.74 -15.19
C LEU A 347 -23.88 -14.07 -16.66
N GLY A 348 -24.25 -13.07 -17.47
CA GLY A 348 -24.44 -13.27 -18.88
C GLY A 348 -23.16 -13.55 -19.65
N ASP A 349 -22.02 -13.10 -19.13
CA ASP A 349 -20.72 -13.39 -19.73
C ASP A 349 -20.14 -14.73 -19.30
N SER A 350 -20.94 -15.58 -18.65
CA SER A 350 -20.52 -16.92 -18.30
C SER A 350 -21.53 -17.99 -18.71
N LEU A 351 -22.68 -17.60 -19.26
CA LEU A 351 -23.66 -18.57 -19.71
C LEU A 351 -23.23 -19.31 -20.97
N ARG A 352 -22.35 -18.70 -21.78
CA ARG A 352 -21.83 -19.35 -22.96
C ARG A 352 -20.64 -20.27 -22.66
N ARG A 353 -20.24 -20.37 -21.41
CA ARG A 353 -19.17 -21.28 -21.03
C ARG A 353 -19.71 -22.72 -21.03
N PRO A 354 -19.12 -23.63 -21.80
CA PRO A 354 -19.64 -25.00 -21.80
C PRO A 354 -19.31 -25.77 -20.52
N GLN A 355 -18.21 -25.43 -19.86
CA GLN A 355 -17.82 -26.13 -18.63
C GLN A 355 -18.78 -25.82 -17.49
N LEU A 356 -19.21 -24.57 -17.37
CA LEU A 356 -20.12 -24.17 -16.30
C LEU A 356 -21.47 -24.85 -16.44
N ARG A 357 -22.03 -24.84 -17.66
CA ARG A 357 -23.31 -25.49 -17.90
C ARG A 357 -23.21 -27.01 -17.77
N LEU A 358 -22.08 -27.58 -18.21
CA LEU A 358 -21.90 -29.04 -18.14
C LEU A 358 -21.81 -29.52 -16.70
N TRP A 359 -20.92 -28.90 -15.91
CA TRP A 359 -20.79 -29.27 -14.51
C TRP A 359 -22.04 -28.90 -13.71
N SER A 360 -22.79 -27.87 -14.14
CA SER A 360 -24.02 -27.51 -13.45
C SER A 360 -25.12 -28.55 -13.66
N LEU A 361 -25.29 -28.99 -14.92
CA LEU A 361 -26.31 -30.00 -15.20
C LEU A 361 -25.92 -31.35 -14.59
N TRP A 362 -24.63 -31.67 -14.57
CA TRP A 362 -24.20 -32.90 -13.93
C TRP A 362 -24.36 -32.83 -12.41
N TRP A 363 -24.14 -31.65 -11.82
CA TRP A 363 -24.41 -31.44 -10.40
C TRP A 363 -25.89 -31.61 -10.09
N VAL A 364 -26.75 -31.08 -10.95
CA VAL A 364 -28.20 -31.19 -10.76
C VAL A 364 -28.65 -32.65 -10.80
N PHE A 365 -28.22 -33.39 -11.83
CA PHE A 365 -28.66 -34.78 -11.98
C PHE A 365 -28.08 -35.68 -10.87
N ASN A 366 -26.78 -35.53 -10.58
CA ASN A 366 -26.14 -36.36 -9.56
C ASN A 366 -26.67 -36.03 -8.18
N SER A 367 -26.98 -34.75 -7.92
CA SER A 367 -27.50 -34.36 -6.61
C SER A 367 -28.92 -34.88 -6.41
N ALA A 368 -29.74 -34.85 -7.48
CA ALA A 368 -31.10 -35.39 -7.37
C ALA A 368 -31.08 -36.89 -7.14
N GLY A 369 -30.23 -37.62 -7.87
CA GLY A 369 -30.14 -39.05 -7.66
C GLY A 369 -29.57 -39.43 -6.31
N TYR A 370 -28.55 -38.70 -5.85
CA TYR A 370 -27.97 -38.92 -4.53
C TYR A 370 -28.97 -38.66 -3.42
N TYR A 371 -29.73 -37.57 -3.53
CA TYR A 371 -30.71 -37.27 -2.50
C TYR A 371 -31.84 -38.28 -2.46
N LEU A 372 -32.28 -38.79 -3.62
CA LEU A 372 -33.29 -39.85 -3.62
C LEU A 372 -32.77 -41.14 -2.99
N VAL A 373 -31.52 -41.51 -3.28
CA VAL A 373 -30.94 -42.72 -2.68
C VAL A 373 -30.78 -42.55 -1.17
N VAL A 374 -30.35 -41.37 -0.72
CA VAL A 374 -30.19 -41.12 0.72
C VAL A 374 -31.55 -41.09 1.42
N TYR A 375 -32.59 -40.60 0.73
CA TYR A 375 -33.93 -40.59 1.33
C TYR A 375 -34.49 -41.99 1.50
N TYR A 376 -34.27 -42.88 0.52
CA TYR A 376 -34.91 -44.19 0.57
C TYR A 376 -34.01 -45.32 1.07
N VAL A 377 -32.75 -45.05 1.39
CA VAL A 377 -31.84 -46.15 1.73
C VAL A 377 -32.13 -46.72 3.12
N HIS A 378 -32.72 -45.94 4.02
CA HIS A 378 -33.06 -46.48 5.34
C HIS A 378 -34.27 -47.40 5.25
N ILE A 379 -35.23 -47.07 4.38
CA ILE A 379 -36.36 -47.95 4.12
C ILE A 379 -35.87 -49.23 3.44
N LEU A 380 -34.88 -49.11 2.55
CA LEU A 380 -34.26 -50.29 1.96
C LEU A 380 -33.57 -51.16 3.01
N TRP A 381 -32.90 -50.53 3.97
CA TRP A 381 -32.21 -51.26 5.02
C TRP A 381 -33.18 -51.98 5.93
N ASN A 382 -34.30 -51.35 6.26
CA ASN A 382 -35.29 -52.02 7.10
C ASN A 382 -36.11 -53.04 6.30
N GLU A 383 -36.11 -52.94 4.98
CA GLU A 383 -36.79 -53.94 4.15
C GLU A 383 -35.95 -55.19 3.97
N VAL A 384 -34.64 -55.03 3.76
CA VAL A 384 -33.76 -56.19 3.56
C VAL A 384 -33.64 -57.00 4.85
N ASP A 385 -33.44 -56.32 5.98
CA ASP A 385 -33.35 -56.97 7.29
C ASP A 385 -34.46 -56.44 8.18
N PRO A 386 -35.67 -57.06 8.14
CA PRO A 386 -36.79 -56.61 8.98
C PRO A 386 -36.78 -57.23 10.37
N THR A 387 -35.62 -57.19 11.04
CA THR A 387 -35.49 -57.72 12.38
C THR A 387 -35.90 -56.66 13.41
N THR A 388 -36.55 -57.12 14.47
CA THR A 388 -37.06 -56.23 15.51
C THR A 388 -36.04 -55.94 16.60
N ASN A 389 -34.87 -56.57 16.56
CA ASN A 389 -33.85 -56.37 17.58
C ASN A 389 -33.15 -55.04 17.37
N SER A 390 -33.13 -54.22 18.42
CA SER A 390 -32.46 -52.93 18.34
C SER A 390 -30.95 -53.07 18.40
N ALA A 391 -30.43 -54.16 18.96
CA ALA A 391 -28.99 -54.37 19.00
C ALA A 391 -28.43 -54.72 17.61
N ARG A 392 -29.26 -55.33 16.76
CA ARG A 392 -28.84 -55.69 15.42
C ARG A 392 -28.98 -54.53 14.42
N VAL A 393 -29.53 -53.39 14.86
CA VAL A 393 -29.67 -52.23 13.99
C VAL A 393 -28.36 -51.45 14.03
N TYR A 394 -27.64 -51.45 12.92
CA TYR A 394 -26.36 -50.76 12.80
C TYR A 394 -26.41 -49.71 11.71
N ASN A 395 -27.50 -48.93 11.69
CA ASN A 395 -27.61 -47.87 10.69
C ASN A 395 -26.73 -46.68 11.04
N GLY A 396 -26.57 -46.40 12.33
CA GLY A 396 -25.68 -45.33 12.74
C GLY A 396 -24.22 -45.62 12.48
N ALA A 397 -23.84 -46.91 12.46
CA ALA A 397 -22.47 -47.27 12.13
C ALA A 397 -22.20 -47.04 10.65
N ALA A 398 -23.18 -47.34 9.80
CA ALA A 398 -23.05 -47.04 8.37
C ALA A 398 -23.03 -45.54 8.14
N ASP A 399 -23.80 -44.78 8.93
CA ASP A 399 -23.78 -43.33 8.82
C ASP A 399 -22.43 -42.74 9.24
N ALA A 400 -21.85 -43.28 10.32
CA ALA A 400 -20.55 -42.81 10.79
C ALA A 400 -19.45 -43.16 9.81
N ALA A 401 -19.48 -44.38 9.24
CA ALA A 401 -18.51 -44.76 8.23
C ALA A 401 -18.67 -43.95 6.96
N SER A 402 -19.91 -43.59 6.60
CA SER A 402 -20.14 -42.76 5.44
C SER A 402 -19.60 -41.35 5.65
N THR A 403 -19.81 -40.78 6.84
CA THR A 403 -19.30 -39.46 7.15
C THR A 403 -17.77 -39.45 7.19
N LEU A 404 -17.17 -40.51 7.75
CA LEU A 404 -15.71 -40.60 7.83
C LEU A 404 -15.08 -40.75 6.45
N LEU A 405 -15.65 -41.63 5.61
CA LEU A 405 -15.10 -41.80 4.26
C LEU A 405 -15.37 -40.59 3.40
N GLY A 406 -16.49 -39.88 3.64
CA GLY A 406 -16.73 -38.64 2.93
C GLY A 406 -15.76 -37.54 3.32
N ALA A 407 -15.39 -37.49 4.60
CA ALA A 407 -14.39 -36.52 5.03
C ALA A 407 -13.01 -36.86 4.48
N ILE A 408 -12.69 -38.15 4.38
CA ILE A 408 -11.41 -38.56 3.81
C ILE A 408 -11.35 -38.23 2.32
N THR A 409 -12.42 -38.54 1.59
CA THR A 409 -12.44 -38.22 0.16
C THR A 409 -12.60 -36.73 -0.10
N SER A 410 -13.11 -35.96 0.86
CA SER A 410 -13.17 -34.51 0.71
C SER A 410 -11.85 -33.85 1.04
N PHE A 411 -11.06 -34.46 1.93
CA PHE A 411 -9.70 -33.98 2.16
C PHE A 411 -8.81 -34.26 0.95
N ALA A 412 -9.11 -35.31 0.19
CA ALA A 412 -8.35 -35.68 -1.00
C ALA A 412 -9.00 -35.18 -2.28
N ALA A 413 -10.02 -34.33 -2.20
CA ALA A 413 -10.63 -33.75 -3.39
C ALA A 413 -10.11 -32.36 -3.71
N GLY A 414 -9.73 -31.58 -2.68
CA GLY A 414 -9.08 -30.30 -2.93
C GLY A 414 -7.66 -30.45 -3.44
N PHE A 415 -7.05 -31.61 -3.25
CA PHE A 415 -5.73 -31.93 -3.79
C PHE A 415 -5.78 -32.42 -5.22
N VAL A 416 -6.93 -32.36 -5.88
CA VAL A 416 -7.07 -32.79 -7.27
C VAL A 416 -6.87 -31.55 -8.12
N LYS A 417 -5.61 -31.31 -8.50
CA LYS A 417 -5.25 -30.19 -9.38
C LYS A 417 -5.20 -30.63 -10.83
N ILE A 418 -6.27 -31.26 -11.30
CA ILE A 418 -6.36 -31.73 -12.68
C ILE A 418 -7.12 -30.69 -13.49
N ARG A 419 -6.54 -30.27 -14.61
CA ARG A 419 -7.18 -29.29 -15.48
C ARG A 419 -8.36 -29.91 -16.23
N TRP A 420 -9.10 -29.06 -16.92
CA TRP A 420 -10.30 -29.49 -17.64
C TRP A 420 -10.00 -30.05 -19.03
N ALA A 421 -8.74 -30.09 -19.45
CA ALA A 421 -8.42 -30.45 -20.82
C ALA A 421 -8.32 -31.95 -21.05
N ARG A 422 -8.13 -32.74 -19.99
CA ARG A 422 -7.91 -34.18 -20.16
C ARG A 422 -8.90 -35.04 -19.40
N TRP A 423 -9.25 -34.68 -18.16
CA TRP A 423 -10.07 -35.56 -17.34
C TRP A 423 -11.39 -34.90 -16.94
N SER A 424 -12.09 -34.29 -17.89
CA SER A 424 -13.36 -33.66 -17.59
C SER A 424 -14.50 -34.68 -17.55
N LYS A 425 -14.77 -35.33 -18.69
CA LYS A 425 -15.96 -36.16 -18.83
C LYS A 425 -15.71 -37.62 -18.50
N LEU A 426 -14.47 -38.09 -18.65
CA LEU A 426 -14.19 -39.50 -18.45
C LEU A 426 -14.28 -39.89 -16.98
N LEU A 427 -13.81 -39.01 -16.09
CA LEU A 427 -13.94 -39.26 -14.65
C LEU A 427 -15.40 -39.21 -14.23
N ILE A 428 -16.18 -38.30 -14.81
CA ILE A 428 -17.62 -38.22 -14.55
C ILE A 428 -18.31 -39.52 -14.97
N ALA A 429 -18.01 -40.00 -16.18
CA ALA A 429 -18.64 -41.22 -16.69
C ALA A 429 -18.23 -42.44 -15.87
N GLY A 430 -16.95 -42.53 -15.48
CA GLY A 430 -16.50 -43.66 -14.69
C GLY A 430 -17.08 -43.69 -13.29
N VAL A 431 -17.13 -42.53 -12.62
CA VAL A 431 -17.63 -42.49 -11.26
C VAL A 431 -19.15 -42.68 -11.24
N THR A 432 -19.86 -42.14 -12.25
CA THR A 432 -21.30 -42.39 -12.31
C THR A 432 -21.60 -43.84 -12.71
N ALA A 433 -20.72 -44.48 -13.49
CA ALA A 433 -20.90 -45.91 -13.75
C ALA A 433 -20.67 -46.73 -12.48
N THR A 434 -19.70 -46.32 -11.65
CA THR A 434 -19.48 -46.96 -10.37
C THR A 434 -20.69 -46.78 -9.45
N GLN A 435 -21.27 -45.58 -9.44
CA GLN A 435 -22.46 -45.33 -8.63
C GLN A 435 -23.66 -46.12 -9.14
N ALA A 436 -23.78 -46.27 -10.47
CA ALA A 436 -24.85 -47.08 -11.03
C ALA A 436 -24.69 -48.55 -10.66
N GLY A 437 -23.45 -49.05 -10.66
CA GLY A 437 -23.20 -50.41 -10.22
C GLY A 437 -23.48 -50.60 -8.74
N LEU A 438 -23.21 -49.57 -7.92
CA LEU A 438 -23.49 -49.69 -6.49
C LEU A 438 -24.99 -49.61 -6.20
N VAL A 439 -25.72 -48.79 -6.96
CA VAL A 439 -27.18 -48.75 -6.82
C VAL A 439 -27.80 -50.07 -7.29
N PHE A 440 -27.22 -50.67 -8.35
CA PHE A 440 -27.68 -51.99 -8.80
C PHE A 440 -27.36 -53.07 -7.77
N LEU A 441 -26.25 -52.95 -7.06
CA LEU A 441 -25.93 -53.90 -5.99
C LEU A 441 -26.87 -53.72 -4.80
N LEU A 442 -27.24 -52.48 -4.49
CA LEU A 442 -28.22 -52.23 -3.43
C LEU A 442 -29.62 -52.65 -3.84
N ALA A 443 -29.90 -52.74 -5.14
CA ALA A 443 -31.25 -53.02 -5.60
C ALA A 443 -31.62 -54.49 -5.38
N HIS A 444 -30.81 -55.41 -5.94
CA HIS A 444 -31.12 -56.82 -5.90
C HIS A 444 -30.60 -57.52 -4.65
N THR A 445 -30.28 -56.77 -3.60
CA THR A 445 -29.85 -57.35 -2.33
C THR A 445 -31.10 -57.85 -1.59
N ARG A 446 -31.25 -59.18 -1.50
CA ARG A 446 -32.38 -59.77 -0.81
C ARG A 446 -31.96 -60.77 0.26
N HIS A 447 -30.67 -61.04 0.42
CA HIS A 447 -30.21 -62.00 1.41
C HIS A 447 -30.22 -61.35 2.80
N PRO A 448 -30.64 -62.08 3.83
CA PRO A 448 -30.71 -61.46 5.18
C PRO A 448 -29.35 -61.19 5.79
N SER A 449 -28.38 -62.09 5.59
CA SER A 449 -27.04 -61.90 6.14
C SER A 449 -26.15 -61.01 5.30
N SER A 450 -26.66 -60.48 4.18
CA SER A 450 -25.91 -59.57 3.34
C SER A 450 -26.15 -58.10 3.69
N ILE A 451 -26.63 -57.82 4.90
CA ILE A 451 -26.83 -56.44 5.32
C ILE A 451 -25.49 -55.75 5.55
N TRP A 452 -24.45 -56.51 5.87
CA TRP A 452 -23.11 -55.93 5.98
C TRP A 452 -22.57 -55.55 4.61
N LEU A 453 -22.83 -56.38 3.60
CA LEU A 453 -22.45 -56.03 2.24
C LEU A 453 -23.26 -54.84 1.72
N CYS A 454 -24.53 -54.75 2.13
CA CYS A 454 -25.37 -53.59 1.78
C CYS A 454 -24.84 -52.32 2.41
N TYR A 455 -24.43 -52.39 3.69
CA TYR A 455 -23.83 -51.24 4.36
C TYR A 455 -22.51 -50.84 3.72
N ALA A 456 -21.68 -51.83 3.35
CA ALA A 456 -20.41 -51.52 2.70
C ALA A 456 -20.61 -50.91 1.32
N ALA A 457 -21.65 -51.36 0.61
CA ALA A 457 -21.96 -50.75 -0.69
C ALA A 457 -22.48 -49.32 -0.51
N PHE A 458 -23.22 -49.05 0.56
CA PHE A 458 -23.65 -47.69 0.81
C PHE A 458 -22.48 -46.79 1.20
N VAL A 459 -21.53 -47.33 1.97
CA VAL A 459 -20.34 -46.56 2.34
C VAL A 459 -19.49 -46.26 1.11
N LEU A 460 -19.39 -47.23 0.19
CA LEU A 460 -18.71 -46.97 -1.08
C LEU A 460 -19.45 -45.97 -1.95
N PHE A 461 -20.79 -45.97 -1.88
CA PHE A 461 -21.57 -44.98 -2.63
C PHE A 461 -21.37 -43.58 -2.08
N ARG A 462 -21.35 -43.45 -0.76
CA ARG A 462 -21.10 -42.15 -0.14
C ARG A 462 -19.67 -41.67 -0.39
N GLY A 463 -18.71 -42.59 -0.38
CA GLY A 463 -17.34 -42.22 -0.70
C GLY A 463 -17.14 -41.88 -2.16
N SER A 464 -17.94 -42.45 -3.04
CA SER A 464 -17.90 -42.07 -4.45
C SER A 464 -18.59 -40.73 -4.69
N TYR A 465 -19.62 -40.40 -3.92
CA TYR A 465 -20.31 -39.13 -4.15
C TYR A 465 -19.56 -37.96 -3.52
N GLN A 466 -19.07 -38.13 -2.29
CA GLN A 466 -18.46 -37.02 -1.57
C GLN A 466 -17.08 -36.63 -2.09
N PHE A 467 -16.48 -37.44 -2.97
CA PHE A 467 -15.27 -37.04 -3.67
C PHE A 467 -15.57 -36.03 -4.77
N LEU A 468 -16.82 -35.94 -5.19
CA LEU A 468 -17.21 -35.10 -6.32
C LEU A 468 -17.60 -33.69 -5.90
N VAL A 469 -18.10 -33.53 -4.68
CA VAL A 469 -18.60 -32.22 -4.24
C VAL A 469 -17.52 -31.15 -4.13
N PRO A 470 -16.34 -31.38 -3.49
CA PRO A 470 -15.34 -30.29 -3.49
C PRO A 470 -14.73 -30.00 -4.84
N ILE A 471 -14.64 -30.99 -5.73
CA ILE A 471 -14.11 -30.75 -7.08
C ILE A 471 -15.02 -29.81 -7.86
N ALA A 472 -16.32 -30.10 -7.87
CA ALA A 472 -17.27 -29.24 -8.56
C ALA A 472 -17.37 -27.87 -7.89
N THR A 473 -17.29 -27.85 -6.55
CA THR A 473 -17.35 -26.59 -5.81
C THR A 473 -16.14 -25.71 -6.09
N PHE A 474 -14.96 -26.34 -6.25
CA PHE A 474 -13.76 -25.58 -6.58
C PHE A 474 -13.79 -25.09 -8.02
N GLN A 475 -14.24 -25.94 -8.96
CA GLN A 475 -14.21 -25.56 -10.36
C GLN A 475 -15.30 -24.55 -10.72
N ILE A 476 -16.40 -24.51 -9.97
CA ILE A 476 -17.47 -23.56 -10.23
C ILE A 476 -17.32 -22.30 -9.39
N ALA A 477 -16.97 -22.45 -8.11
CA ALA A 477 -16.90 -21.34 -7.17
C ALA A 477 -15.76 -20.37 -7.47
N SER A 478 -14.72 -20.82 -8.17
CA SER A 478 -13.56 -19.99 -8.46
C SER A 478 -13.66 -19.27 -9.80
N SER A 479 -14.88 -19.02 -10.28
CA SER A 479 -15.10 -18.37 -11.57
C SER A 479 -15.64 -16.94 -11.44
N LEU A 480 -16.60 -16.71 -10.56
CA LEU A 480 -17.25 -15.42 -10.44
C LEU A 480 -17.06 -14.88 -9.02
N SER A 481 -17.75 -13.78 -8.71
CA SER A 481 -17.71 -13.21 -7.37
C SER A 481 -18.52 -14.08 -6.41
N LYS A 482 -18.39 -13.75 -5.11
CA LYS A 482 -18.99 -14.60 -4.08
C LYS A 482 -20.51 -14.47 -4.04
N GLU A 483 -21.04 -13.29 -4.32
CA GLU A 483 -22.49 -13.12 -4.43
C GLU A 483 -23.02 -13.90 -5.62
N LEU A 484 -22.34 -13.80 -6.76
CA LEU A 484 -22.71 -14.60 -7.93
C LEU A 484 -22.51 -16.09 -7.68
N CYS A 485 -21.50 -16.45 -6.88
CA CYS A 485 -21.29 -17.86 -6.52
C CYS A 485 -22.46 -18.41 -5.72
N ALA A 486 -22.91 -17.65 -4.71
CA ALA A 486 -24.04 -18.07 -3.89
C ALA A 486 -25.32 -18.12 -4.72
N LEU A 487 -25.48 -17.17 -5.65
CA LEU A 487 -26.67 -17.16 -6.50
C LEU A 487 -26.69 -18.35 -7.46
N VAL A 488 -25.54 -18.66 -8.09
CA VAL A 488 -25.48 -19.75 -9.05
C VAL A 488 -25.66 -21.10 -8.36
N PHE A 489 -25.04 -21.29 -7.19
CA PHE A 489 -25.25 -22.53 -6.45
C PHE A 489 -26.67 -22.65 -5.91
N GLY A 490 -27.30 -21.54 -5.53
CA GLY A 490 -28.68 -21.61 -5.09
C GLY A 490 -29.64 -21.95 -6.22
N VAL A 491 -29.43 -21.37 -7.40
CA VAL A 491 -30.29 -21.67 -8.54
C VAL A 491 -30.05 -23.10 -9.04
N ASN A 492 -28.80 -23.59 -8.96
CA ASN A 492 -28.53 -24.98 -9.31
C ASN A 492 -29.16 -25.95 -8.31
N THR A 493 -29.16 -25.57 -7.03
CA THR A 493 -29.86 -26.36 -6.02
C THR A 493 -31.36 -26.38 -6.28
N PHE A 494 -31.90 -25.25 -6.77
CA PHE A 494 -33.32 -25.19 -7.11
C PHE A 494 -33.65 -26.07 -8.32
N PHE A 495 -32.75 -26.11 -9.33
CA PHE A 495 -32.94 -27.03 -10.45
C PHE A 495 -32.86 -28.48 -10.00
N ALA A 496 -31.93 -28.80 -9.10
CA ALA A 496 -31.83 -30.16 -8.57
C ALA A 496 -33.06 -30.54 -7.77
N THR A 497 -33.65 -29.57 -7.07
CA THR A 497 -34.88 -29.84 -6.31
C THR A 497 -36.06 -30.05 -7.25
N ILE A 498 -36.10 -29.32 -8.37
CA ILE A 498 -37.14 -29.54 -9.39
C ILE A 498 -37.02 -30.95 -9.97
N VAL A 499 -35.80 -31.37 -10.30
CA VAL A 499 -35.58 -32.70 -10.86
C VAL A 499 -35.93 -33.79 -9.86
N LYS A 500 -35.58 -33.59 -8.59
CA LYS A 500 -35.93 -34.55 -7.54
C LYS A 500 -37.44 -34.62 -7.33
N THR A 501 -38.13 -33.48 -7.43
CA THR A 501 -39.59 -33.46 -7.31
C THR A 501 -40.25 -34.19 -8.47
N ILE A 502 -39.71 -34.02 -9.69
CA ILE A 502 -40.28 -34.70 -10.86
C ILE A 502 -40.07 -36.21 -10.76
N ILE A 503 -38.89 -36.65 -10.34
CA ILE A 503 -38.64 -38.09 -10.24
C ILE A 503 -39.42 -38.69 -9.06
N THR A 504 -39.67 -37.91 -8.01
CA THR A 504 -40.52 -38.38 -6.91
C THR A 504 -41.97 -38.51 -7.36
N PHE A 505 -42.44 -37.55 -8.18
CA PHE A 505 -43.81 -37.62 -8.72
C PHE A 505 -43.98 -38.79 -9.67
N ILE A 506 -42.94 -39.12 -10.43
CA ILE A 506 -43.05 -40.23 -11.38
C ILE A 506 -42.95 -41.58 -10.66
N VAL A 507 -41.95 -41.73 -9.80
CA VAL A 507 -41.62 -43.06 -9.29
C VAL A 507 -42.51 -43.43 -8.11
N SER A 508 -42.56 -42.59 -7.08
CA SER A 508 -43.12 -43.02 -5.80
C SER A 508 -44.34 -42.19 -5.38
N ASP A 509 -45.28 -41.98 -6.30
CA ASP A 509 -46.51 -41.27 -6.00
C ASP A 509 -47.68 -42.24 -6.01
N VAL A 510 -48.62 -42.04 -5.07
CA VAL A 510 -49.78 -42.90 -4.98
C VAL A 510 -50.88 -42.50 -5.96
N ARG A 511 -50.83 -41.28 -6.49
CA ARG A 511 -51.84 -40.83 -7.46
C ARG A 511 -51.42 -41.04 -8.90
N GLY A 512 -50.17 -41.42 -9.15
CA GLY A 512 -49.70 -41.67 -10.50
C GLY A 512 -49.57 -43.14 -10.81
N LEU A 513 -48.35 -43.67 -10.77
CA LEU A 513 -48.13 -45.08 -11.08
C LEU A 513 -48.36 -45.95 -9.85
N GLY A 514 -47.70 -45.65 -8.74
CA GLY A 514 -47.81 -46.46 -7.54
C GLY A 514 -47.03 -47.75 -7.64
N LEU A 515 -45.72 -47.65 -7.86
CA LEU A 515 -44.86 -48.81 -8.03
C LEU A 515 -44.40 -49.35 -6.69
N PRO A 516 -44.23 -50.67 -6.58
CA PRO A 516 -43.69 -51.24 -5.33
C PRO A 516 -42.21 -50.89 -5.17
N VAL A 517 -41.77 -50.88 -3.92
CA VAL A 517 -40.51 -50.26 -3.54
C VAL A 517 -39.30 -51.02 -4.10
N ARG A 518 -39.41 -52.35 -4.27
CA ARG A 518 -38.33 -53.09 -4.92
C ARG A 518 -38.24 -52.74 -6.41
N LYS A 519 -39.39 -52.64 -7.07
CA LYS A 519 -39.44 -52.15 -8.45
C LYS A 519 -39.02 -50.68 -8.52
N GLN A 520 -39.24 -49.91 -7.45
CA GLN A 520 -38.78 -48.54 -7.41
C GLN A 520 -37.26 -48.45 -7.38
N PHE A 521 -36.60 -49.27 -6.54
CA PHE A 521 -35.14 -49.28 -6.54
C PHE A 521 -34.57 -49.85 -7.83
N GLN A 522 -35.24 -50.82 -8.44
CA GLN A 522 -34.83 -51.29 -9.76
C GLN A 522 -34.95 -50.18 -10.79
N LEU A 523 -35.98 -49.33 -10.68
CA LEU A 523 -36.13 -48.21 -11.60
C LEU A 523 -35.07 -47.14 -11.35
N TYR A 524 -34.67 -46.93 -10.10
CA TYR A 524 -33.55 -46.04 -9.82
C TYR A 524 -32.25 -46.59 -10.40
N SER A 525 -32.07 -47.91 -10.35
CA SER A 525 -30.88 -48.53 -10.94
C SER A 525 -30.88 -48.37 -12.46
N VAL A 526 -32.04 -48.54 -13.10
CA VAL A 526 -32.16 -48.30 -14.54
C VAL A 526 -31.91 -46.83 -14.86
N TYR A 527 -32.33 -45.92 -13.98
CA TYR A 527 -32.13 -44.49 -14.19
C TYR A 527 -30.65 -44.11 -14.12
N PHE A 528 -29.93 -44.64 -13.12
CA PHE A 528 -28.49 -44.40 -13.06
C PHE A 528 -27.75 -45.08 -14.20
N LEU A 529 -28.25 -46.23 -14.69
CA LEU A 529 -27.64 -46.87 -15.85
C LEU A 529 -27.83 -46.02 -17.10
N ILE A 530 -29.01 -45.42 -17.27
CA ILE A 530 -29.26 -44.54 -18.40
C ILE A 530 -28.41 -43.28 -18.31
N LEU A 531 -28.22 -42.75 -17.09
CA LEU A 531 -27.32 -41.62 -16.91
C LEU A 531 -25.88 -41.98 -17.24
N SER A 532 -25.45 -43.19 -16.87
CA SER A 532 -24.10 -43.64 -17.20
C SER A 532 -23.91 -43.80 -18.70
N ILE A 533 -24.94 -44.31 -19.40
CA ILE A 533 -24.89 -44.45 -20.85
C ILE A 533 -24.85 -43.08 -21.53
N ILE A 534 -25.61 -42.11 -21.00
CA ILE A 534 -25.64 -40.77 -21.58
C ILE A 534 -24.29 -40.07 -21.41
N TYR A 535 -23.72 -40.13 -20.20
CA TYR A 535 -22.41 -39.50 -20.03
C TYR A 535 -21.28 -40.28 -20.69
N PHE A 536 -21.44 -41.59 -20.92
CA PHE A 536 -20.43 -42.33 -21.66
C PHE A 536 -20.47 -42.01 -23.15
N LEU A 537 -21.67 -41.80 -23.70
CA LEU A 537 -21.77 -41.40 -25.09
C LEU A 537 -21.40 -39.94 -25.29
N GLY A 538 -21.59 -39.11 -24.27
CA GLY A 538 -21.17 -37.72 -24.36
C GLY A 538 -19.71 -37.49 -24.04
N ALA A 539 -19.06 -38.46 -23.40
CA ALA A 539 -17.64 -38.31 -23.06
C ALA A 539 -16.74 -38.39 -24.28
N MET A 540 -17.18 -39.04 -25.35
CA MET A 540 -16.37 -39.16 -26.56
C MET A 540 -16.46 -37.89 -27.41
N GLU B 23 5.19 36.39 24.34
CA GLU B 23 5.55 35.40 23.33
C GLU B 23 6.76 34.58 23.79
N VAL B 24 6.87 33.36 23.26
CA VAL B 24 7.98 32.48 23.59
C VAL B 24 8.76 32.16 22.33
N GLN B 25 10.04 31.86 22.50
CA GLN B 25 10.93 31.60 21.38
C GLN B 25 12.13 30.81 21.88
N LEU B 26 13.02 30.45 20.96
CA LEU B 26 14.25 29.74 21.26
C LEU B 26 15.43 30.54 20.71
N VAL B 27 16.62 30.27 21.25
CA VAL B 27 17.84 30.93 20.80
C VAL B 27 19.00 29.96 21.02
N GLU B 28 19.97 30.00 20.11
CA GLU B 28 21.14 29.14 20.18
C GLU B 28 22.41 29.98 20.34
N SER B 29 23.42 29.38 20.95
CA SER B 29 24.70 30.04 21.16
C SER B 29 25.79 28.99 21.29
N GLY B 30 27.03 29.43 21.15
CA GLY B 30 28.17 28.56 21.34
C GLY B 30 28.64 27.81 20.12
N GLY B 31 28.28 28.26 18.92
CA GLY B 31 28.71 27.58 17.72
C GLY B 31 29.60 28.44 16.83
N GLY B 32 30.86 28.05 16.70
CA GLY B 32 31.81 28.78 15.87
C GLY B 32 32.68 27.86 15.04
N LEU B 33 33.99 28.06 15.14
CA LEU B 33 34.96 27.21 14.45
C LEU B 33 35.76 26.42 15.47
N VAL B 34 35.95 25.13 15.19
CA VAL B 34 36.73 24.22 16.03
C VAL B 34 37.68 23.44 15.14
N GLN B 35 38.46 22.60 15.77
CA GLN B 35 39.45 21.70 15.24
C GLN B 35 38.91 20.27 15.21
N PRO B 36 39.34 19.45 14.24
CA PRO B 36 38.90 18.04 14.23
C PRO B 36 39.54 17.26 15.37
N GLY B 37 38.70 16.68 16.22
CA GLY B 37 39.15 16.04 17.43
C GLY B 37 39.06 16.91 18.67
N GLY B 38 38.67 18.17 18.52
CA GLY B 38 38.54 19.08 19.65
C GLY B 38 37.21 18.93 20.34
N SER B 39 36.79 20.00 21.02
CA SER B 39 35.56 19.99 21.79
C SER B 39 34.80 21.28 21.54
N LEU B 40 33.48 21.20 21.69
CA LEU B 40 32.61 22.36 21.51
C LEU B 40 31.32 22.12 22.26
N ARG B 41 30.86 23.14 23.00
CA ARG B 41 29.62 23.06 23.75
C ARG B 41 28.59 24.01 23.14
N LEU B 42 27.34 23.58 23.16
CA LEU B 42 26.22 24.38 22.66
C LEU B 42 25.38 24.88 23.81
N SER B 43 24.43 25.76 23.47
CA SER B 43 23.50 26.29 24.45
C SER B 43 22.19 26.59 23.75
N CYS B 44 21.07 26.17 24.34
CA CYS B 44 19.74 26.41 23.79
C CYS B 44 18.89 27.01 24.90
N ALA B 45 18.95 28.34 25.04
CA ALA B 45 18.22 29.03 26.10
C ALA B 45 16.76 29.13 25.70
N ALA B 46 15.89 28.47 26.46
CA ALA B 46 14.45 28.44 26.18
C ALA B 46 13.78 29.54 26.99
N SER B 47 13.70 30.73 26.40
CA SER B 47 13.03 31.85 27.06
C SER B 47 11.53 31.65 27.02
N GLY B 48 10.88 31.97 28.14
CA GLY B 48 9.45 31.82 28.24
C GLY B 48 9.00 30.55 28.92
N PHE B 49 8.65 29.54 28.12
CA PHE B 49 8.16 28.27 28.65
C PHE B 49 9.28 27.51 29.37
N ASN B 50 8.86 26.62 30.27
CA ASN B 50 9.80 25.82 31.03
C ASN B 50 10.21 24.58 30.24
N VAL B 51 11.31 23.96 30.66
CA VAL B 51 11.85 22.80 29.98
C VAL B 51 11.34 21.52 30.63
N VAL B 52 10.44 21.66 31.60
CA VAL B 52 9.84 20.49 32.25
C VAL B 52 8.45 20.18 31.71
N ASP B 53 7.78 21.15 31.08
CA ASP B 53 6.49 20.89 30.46
C ASP B 53 6.63 20.48 29.01
N PHE B 54 7.78 20.78 28.38
CA PHE B 54 8.05 20.42 27.00
C PHE B 54 9.48 19.91 26.91
N SER B 55 9.74 19.08 25.91
CA SER B 55 11.09 18.55 25.70
C SER B 55 11.85 19.41 24.69
N LEU B 56 13.17 19.19 24.65
CA LEU B 56 14.04 19.90 23.72
C LEU B 56 14.81 18.90 22.87
N HIS B 57 15.23 19.37 21.69
CA HIS B 57 15.75 18.50 20.64
C HIS B 57 16.91 19.21 19.95
N TRP B 58 17.56 18.52 19.03
CA TRP B 58 18.64 19.08 18.23
C TRP B 58 18.52 18.57 16.80
N VAL B 59 18.53 19.49 15.85
CA VAL B 59 18.33 19.19 14.43
C VAL B 59 19.50 19.75 13.64
N ARG B 60 20.13 18.89 12.84
CA ARG B 60 21.32 19.21 12.07
C ARG B 60 20.97 19.46 10.61
N GLN B 61 21.60 20.47 10.01
CA GLN B 61 21.48 20.72 8.58
C GLN B 61 22.85 20.95 7.98
N ALA B 62 23.32 19.99 7.19
CA ALA B 62 24.57 20.15 6.47
C ALA B 62 24.41 21.20 5.36
N PRO B 63 25.46 21.98 5.08
CA PRO B 63 25.38 22.98 4.00
C PRO B 63 25.30 22.31 2.64
N GLY B 64 24.20 22.57 1.93
CA GLY B 64 23.91 21.93 0.68
C GLY B 64 22.98 20.73 0.79
N LYS B 65 23.07 20.01 1.90
CA LYS B 65 22.21 18.86 2.15
C LYS B 65 20.95 19.32 2.87
N GLY B 66 20.16 18.36 3.37
CA GLY B 66 18.91 18.66 4.04
C GLY B 66 19.03 18.56 5.56
N LEU B 67 17.88 18.73 6.21
CA LEU B 67 17.81 18.64 7.66
C LEU B 67 17.97 17.19 8.10
N GLU B 68 18.46 17.01 9.33
CA GLU B 68 18.59 15.69 9.93
C GLU B 68 18.63 15.83 11.45
N TRP B 69 18.42 14.72 12.14
CA TRP B 69 18.23 14.67 13.58
C TRP B 69 19.49 14.18 14.28
N VAL B 70 19.76 14.73 15.48
CA VAL B 70 20.92 14.32 16.25
C VAL B 70 20.52 13.69 17.58
N ALA B 71 19.89 14.47 18.46
CA ALA B 71 19.75 14.02 19.85
C ALA B 71 18.63 14.80 20.52
N TYR B 72 18.31 14.41 21.74
CA TYR B 72 17.30 15.10 22.54
C TYR B 72 17.58 14.82 24.01
N ILE B 73 16.80 15.47 24.87
CA ILE B 73 16.81 15.23 26.30
C ILE B 73 15.44 15.57 26.85
N SER B 74 14.98 14.79 27.81
CA SER B 74 13.72 15.03 28.51
C SER B 74 14.05 15.32 29.97
N SER B 75 13.69 16.52 30.42
CA SER B 75 14.02 16.95 31.78
C SER B 75 13.09 16.36 32.83
N SER B 76 12.05 15.62 32.43
CA SER B 76 11.14 15.04 33.41
C SER B 76 11.76 13.84 34.10
N SER B 77 12.30 12.90 33.34
CA SER B 77 12.86 11.67 33.91
C SER B 77 14.29 11.44 33.45
N GLY B 78 14.60 11.82 32.21
CA GLY B 78 15.92 11.56 31.66
C GLY B 78 15.88 10.44 30.65
N SER B 79 15.86 10.79 29.37
CA SER B 79 15.71 9.82 28.29
C SER B 79 16.69 10.13 27.16
N THR B 80 17.96 10.32 27.51
CA THR B 80 18.98 10.77 26.56
C THR B 80 19.28 9.65 25.57
N SER B 81 18.66 9.72 24.40
CA SER B 81 18.86 8.75 23.33
C SER B 81 19.33 9.49 22.08
N TYR B 82 20.32 8.92 21.40
CA TYR B 82 21.07 9.62 20.37
C TYR B 82 20.79 8.99 19.00
N ALA B 83 21.29 9.65 17.96
CA ALA B 83 21.21 9.08 16.63
C ALA B 83 22.31 8.05 16.43
N ASP B 84 22.24 7.35 15.29
CA ASP B 84 23.22 6.32 14.99
C ASP B 84 24.59 6.89 14.62
N SER B 85 24.63 8.12 14.13
CA SER B 85 25.89 8.74 13.73
C SER B 85 26.56 9.52 14.85
N VAL B 86 25.86 9.75 15.97
CA VAL B 86 26.40 10.50 17.09
C VAL B 86 26.42 9.67 18.38
N LYS B 87 26.15 8.37 18.29
CA LYS B 87 26.09 7.53 19.47
C LYS B 87 27.50 7.24 19.99
N GLY B 88 27.68 7.40 21.29
CA GLY B 88 28.97 7.16 21.91
C GLY B 88 29.99 8.24 21.71
N ARG B 89 29.61 9.36 21.12
CA ARG B 89 30.55 10.45 20.85
C ARG B 89 30.11 11.76 21.48
N PHE B 90 28.81 12.06 21.51
CA PHE B 90 28.30 13.30 22.06
C PHE B 90 27.61 13.03 23.40
N THR B 91 27.38 14.12 24.14
CA THR B 91 26.63 14.06 25.38
C THR B 91 25.74 15.29 25.48
N ILE B 92 24.68 15.16 26.27
CA ILE B 92 23.66 16.20 26.37
C ILE B 92 23.29 16.40 27.83
N SER B 93 22.96 17.64 28.18
CA SER B 93 22.59 17.99 29.55
C SER B 93 21.60 19.14 29.52
N ALA B 94 20.58 19.06 30.38
CA ALA B 94 19.58 20.10 30.50
C ALA B 94 19.40 20.45 31.97
N ASP B 95 19.42 21.74 32.28
CA ASP B 95 19.25 22.22 33.65
C ASP B 95 17.93 22.97 33.76
N THR B 96 17.11 22.57 34.73
CA THR B 96 15.78 23.15 34.89
C THR B 96 15.78 24.48 35.62
N SER B 97 16.90 24.86 36.25
CA SER B 97 16.96 26.13 36.96
C SER B 97 17.39 27.27 36.04
N LYS B 98 18.43 27.06 35.23
CA LYS B 98 18.89 28.10 34.30
C LYS B 98 18.02 28.22 33.06
N ASN B 99 17.10 27.26 32.86
CA ASN B 99 16.12 27.25 31.76
C ASN B 99 16.82 27.25 30.39
N THR B 100 17.63 26.23 30.17
CA THR B 100 18.41 26.09 28.94
C THR B 100 18.77 24.62 28.75
N ALA B 101 19.40 24.34 27.61
CA ALA B 101 19.87 23.00 27.30
C ALA B 101 21.25 23.08 26.70
N TYR B 102 22.12 22.14 27.09
CA TYR B 102 23.50 22.09 26.62
C TYR B 102 23.71 20.82 25.82
N LEU B 103 24.54 20.92 24.76
CA LEU B 103 24.94 19.76 23.96
C LEU B 103 26.46 19.79 23.87
N GLN B 104 27.12 19.19 24.84
CA GLN B 104 28.58 19.14 24.87
C GLN B 104 29.08 18.10 23.87
N MET B 105 29.98 18.52 22.99
CA MET B 105 30.52 17.66 21.95
C MET B 105 32.03 17.56 22.11
N ASN B 106 32.58 16.40 21.76
CA ASN B 106 34.02 16.22 21.71
C ASN B 106 34.35 15.17 20.66
N SER B 107 35.60 15.22 20.18
CA SER B 107 36.13 14.43 19.07
C SER B 107 35.27 14.58 17.82
N LEU B 108 35.16 15.82 17.36
CA LEU B 108 34.38 16.13 16.18
C LEU B 108 35.12 15.69 14.92
N ARG B 109 34.36 15.49 13.85
CA ARG B 109 34.89 15.11 12.55
C ARG B 109 34.47 16.14 11.51
N ALA B 110 34.81 15.86 10.25
CA ALA B 110 34.47 16.77 9.17
C ALA B 110 33.00 16.71 8.79
N GLU B 111 32.30 15.65 9.18
CA GLU B 111 30.87 15.55 8.89
C GLU B 111 30.04 16.48 9.77
N ASP B 112 30.58 16.90 10.91
CA ASP B 112 29.86 17.76 11.84
C ASP B 112 29.81 19.22 11.41
N THR B 113 30.46 19.59 10.30
CA THR B 113 30.36 20.95 9.77
C THR B 113 28.97 21.14 9.20
N ALA B 114 28.10 21.80 9.98
CA ALA B 114 26.69 21.88 9.63
C ALA B 114 26.05 23.03 10.41
N VAL B 115 24.72 23.08 10.37
CA VAL B 115 23.93 24.08 11.07
C VAL B 115 23.02 23.34 12.06
N TYR B 116 23.14 23.70 13.33
CA TYR B 116 22.43 23.01 14.41
C TYR B 116 21.21 23.82 14.82
N TYR B 117 20.07 23.16 14.95
CA TYR B 117 18.82 23.77 15.38
C TYR B 117 18.40 23.19 16.72
N CYS B 118 17.39 23.80 17.33
CA CYS B 118 16.90 23.40 18.64
C CYS B 118 15.41 23.74 18.70
N ALA B 119 14.56 22.73 18.59
CA ALA B 119 13.13 22.95 18.46
C ALA B 119 12.38 22.28 19.60
N ARG B 120 11.22 22.86 19.92
CA ARG B 120 10.36 22.38 20.99
C ARG B 120 9.51 21.22 20.46
N TRP B 121 9.25 20.24 21.32
CA TRP B 121 8.32 19.17 21.00
C TRP B 121 7.79 18.58 22.29
N GLY B 122 6.47 18.57 22.45
CA GLY B 122 5.86 18.31 23.74
C GLY B 122 5.82 16.85 24.13
N TYR B 123 5.11 16.59 25.22
CA TYR B 123 5.01 15.26 25.81
C TYR B 123 3.68 14.59 25.46
N TRP B 124 3.68 13.28 25.57
CA TRP B 124 2.47 12.47 25.52
C TRP B 124 1.77 12.50 26.88
N PRO B 125 0.44 12.59 26.92
CA PRO B 125 -0.54 12.66 25.83
C PRO B 125 -0.99 14.05 25.47
N GLY B 126 -1.97 14.12 24.57
CA GLY B 126 -2.68 15.34 24.28
C GLY B 126 -2.29 15.93 22.94
N GLU B 127 -2.92 17.06 22.66
CA GLU B 127 -2.56 17.89 21.50
C GLU B 127 -1.09 18.35 21.45
N PRO B 128 -0.39 18.72 22.55
CA PRO B 128 1.03 19.11 22.39
C PRO B 128 1.98 18.01 21.93
N TRP B 129 1.60 16.73 21.97
CA TRP B 129 2.45 15.73 21.33
C TRP B 129 2.24 15.73 19.82
N TRP B 130 0.99 15.80 19.37
CA TRP B 130 0.68 15.74 17.94
C TRP B 130 1.15 16.99 17.22
N LYS B 131 1.28 18.11 17.93
CA LYS B 131 2.00 19.26 17.39
C LYS B 131 3.47 18.90 17.31
N ALA B 132 4.04 19.01 16.10
CA ALA B 132 5.43 18.66 15.84
C ALA B 132 6.37 19.78 16.27
N PHE B 133 7.58 19.79 15.73
CA PHE B 133 8.55 20.83 16.07
C PHE B 133 8.06 22.17 15.55
N ASP B 134 7.36 22.92 16.40
CA ASP B 134 6.67 24.13 16.01
C ASP B 134 7.45 25.41 16.32
N TYR B 135 8.07 25.49 17.50
CA TYR B 135 8.85 26.66 17.89
C TYR B 135 10.32 26.30 17.77
N TRP B 136 10.88 26.57 16.60
CA TRP B 136 12.29 26.38 16.31
C TRP B 136 13.11 27.53 16.89
N GLY B 137 14.42 27.47 16.67
CA GLY B 137 15.31 28.53 17.08
C GLY B 137 15.92 29.27 15.89
N GLN B 138 16.86 30.14 16.21
CA GLN B 138 17.57 30.87 15.16
C GLN B 138 18.51 29.96 14.39
N GLY B 139 19.08 28.96 15.06
CA GLY B 139 20.00 28.05 14.42
C GLY B 139 21.43 28.53 14.47
N THR B 140 22.31 27.75 15.09
CA THR B 140 23.72 28.11 15.18
C THR B 140 24.51 27.40 14.09
N LEU B 141 25.67 27.96 13.76
CA LEU B 141 26.51 27.47 12.68
C LEU B 141 27.83 27.02 13.26
N VAL B 142 28.14 25.74 13.07
CA VAL B 142 29.42 25.18 13.48
C VAL B 142 30.20 24.78 12.24
N THR B 143 31.52 24.73 12.37
CA THR B 143 32.36 24.29 11.27
C THR B 143 33.61 23.62 11.84
N VAL B 144 34.11 22.65 11.09
CA VAL B 144 35.28 21.86 11.47
C VAL B 144 36.27 21.93 10.32
N SER B 145 37.41 22.56 10.56
CA SER B 145 38.45 22.67 9.53
C SER B 145 39.80 22.76 10.22
N SER B 146 40.82 22.25 9.53
CA SER B 146 42.19 22.34 10.02
C SER B 146 42.92 23.58 9.50
N ALA B 147 42.39 24.23 8.47
CA ALA B 147 43.05 25.39 7.89
C ALA B 147 42.83 26.63 8.74
N SER B 148 43.89 27.41 8.91
CA SER B 148 43.82 28.64 9.69
C SER B 148 43.20 29.75 8.86
N THR B 149 42.93 30.87 9.53
CA THR B 149 42.33 32.02 8.87
C THR B 149 43.37 32.75 8.05
N LYS B 150 43.15 32.84 6.74
CA LYS B 150 44.06 33.54 5.85
C LYS B 150 43.25 34.35 4.83
N GLY B 151 43.89 35.37 4.29
CA GLY B 151 43.25 36.25 3.35
C GLY B 151 43.11 35.63 1.97
N PRO B 152 42.10 36.04 1.22
CA PRO B 152 41.90 35.50 -0.12
C PRO B 152 42.91 36.03 -1.12
N SER B 153 43.28 35.18 -2.06
CA SER B 153 44.16 35.55 -3.16
C SER B 153 43.29 35.94 -4.34
N VAL B 154 43.16 37.25 -4.56
CA VAL B 154 42.25 37.76 -5.58
C VAL B 154 42.94 37.72 -6.93
N PHE B 155 42.30 37.09 -7.92
CA PHE B 155 42.82 37.05 -9.27
C PHE B 155 41.80 37.60 -10.25
N PRO B 156 42.21 38.41 -11.22
CA PRO B 156 41.27 38.95 -12.20
C PRO B 156 40.91 37.92 -13.26
N LEU B 157 39.89 38.25 -14.04
CA LEU B 157 39.46 37.43 -15.17
C LEU B 157 39.32 38.33 -16.38
N ALA B 158 40.02 38.01 -17.45
CA ALA B 158 40.00 38.84 -18.64
C ALA B 158 38.69 38.65 -19.39
N PRO B 159 38.14 39.71 -19.99
CA PRO B 159 36.88 39.56 -20.73
C PRO B 159 37.03 38.79 -22.04
N SER B 160 38.19 38.89 -22.69
CA SER B 160 38.54 38.18 -23.93
C SER B 160 37.54 38.48 -25.04
N SER B 161 37.46 39.76 -25.41
CA SER B 161 36.59 40.22 -26.47
C SER B 161 37.27 40.23 -27.84
N LYS B 162 38.34 39.45 -28.00
CA LYS B 162 39.02 39.40 -29.29
C LYS B 162 38.24 38.60 -30.31
N SER B 163 37.41 37.66 -29.87
CA SER B 163 36.59 36.85 -30.74
C SER B 163 35.17 36.76 -30.18
N THR B 164 34.23 36.50 -31.09
CA THR B 164 32.78 36.39 -30.82
C THR B 164 32.25 37.64 -30.12
N SER B 165 32.37 38.77 -30.81
CA SER B 165 31.94 40.06 -30.30
C SER B 165 30.69 40.52 -31.03
N GLY B 166 30.00 41.49 -30.42
CA GLY B 166 28.79 42.04 -31.00
C GLY B 166 27.62 42.05 -30.03
N GLY B 167 27.62 41.09 -29.09
CA GLY B 167 26.56 41.01 -28.11
C GLY B 167 26.96 41.54 -26.76
N THR B 168 27.28 40.65 -25.83
CA THR B 168 27.72 41.02 -24.49
C THR B 168 29.04 40.33 -24.18
N ALA B 169 29.69 40.78 -23.11
CA ALA B 169 30.98 40.25 -22.70
C ALA B 169 31.02 40.16 -21.19
N ALA B 170 31.42 38.99 -20.68
CA ALA B 170 31.52 38.81 -19.24
C ALA B 170 32.86 39.31 -18.73
N LEU B 171 32.92 39.54 -17.42
CA LEU B 171 34.07 40.15 -16.77
C LEU B 171 33.97 39.88 -15.28
N GLY B 172 34.99 39.24 -14.71
CA GLY B 172 34.87 38.87 -13.32
C GLY B 172 36.14 38.76 -12.51
N CYS B 173 36.02 38.17 -11.33
CA CYS B 173 37.14 37.95 -10.42
C CYS B 173 37.10 36.53 -9.91
N LEU B 174 38.17 36.13 -9.22
CA LEU B 174 38.29 34.77 -8.69
C LEU B 174 39.01 34.86 -7.35
N VAL B 175 38.26 34.80 -6.26
CA VAL B 175 38.81 34.75 -4.92
C VAL B 175 38.87 33.30 -4.47
N LYS B 176 40.00 32.92 -3.89
CA LYS B 176 40.20 31.55 -3.43
C LYS B 176 41.26 31.55 -2.33
N ASP B 177 41.39 30.38 -1.69
CA ASP B 177 42.31 30.13 -0.56
C ASP B 177 42.05 31.10 0.59
N TYR B 178 40.84 31.01 1.15
CA TYR B 178 40.47 31.84 2.29
C TYR B 178 39.61 31.03 3.25
N PHE B 179 39.57 31.50 4.50
CA PHE B 179 38.84 30.85 5.58
C PHE B 179 38.65 31.89 6.67
N PRO B 180 37.46 31.99 7.28
CA PRO B 180 36.22 31.22 7.06
C PRO B 180 35.38 31.70 5.87
N GLU B 181 34.09 31.37 5.92
CA GLU B 181 33.22 31.55 4.75
C GLU B 181 32.96 33.00 4.36
N PRO B 182 32.37 33.90 5.24
CA PRO B 182 31.76 35.13 4.68
C PRO B 182 32.71 36.17 4.11
N VAL B 183 32.66 36.32 2.79
CA VAL B 183 33.36 37.37 2.07
C VAL B 183 32.36 38.03 1.12
N THR B 184 32.48 39.34 0.96
CA THR B 184 31.55 40.11 0.14
C THR B 184 32.30 40.74 -1.02
N VAL B 185 31.82 40.49 -2.24
CA VAL B 185 32.41 41.04 -3.45
C VAL B 185 31.46 42.10 -3.99
N SER B 186 31.89 43.35 -3.95
CA SER B 186 31.10 44.47 -4.44
C SER B 186 31.79 45.06 -5.66
N TRP B 187 30.99 45.40 -6.67
CA TRP B 187 31.50 45.93 -7.94
C TRP B 187 31.30 47.43 -7.96
N ASN B 188 32.40 48.17 -8.17
CA ASN B 188 32.44 49.64 -8.19
C ASN B 188 31.90 50.25 -6.91
N SER B 189 32.22 49.61 -5.77
CA SER B 189 31.78 49.99 -4.43
C SER B 189 30.26 50.08 -4.32
N GLY B 190 29.57 49.16 -5.00
CA GLY B 190 28.13 49.12 -4.98
C GLY B 190 27.43 49.87 -6.10
N ALA B 191 28.17 50.40 -7.07
CA ALA B 191 27.54 51.14 -8.15
C ALA B 191 26.99 50.21 -9.22
N LEU B 192 27.84 49.40 -9.83
CA LEU B 192 27.43 48.48 -10.88
C LEU B 192 26.75 47.28 -10.21
N THR B 193 25.42 47.22 -10.31
CA THR B 193 24.64 46.16 -9.70
C THR B 193 23.80 45.37 -10.68
N SER B 194 23.71 45.79 -11.94
CA SER B 194 22.91 45.10 -12.94
C SER B 194 23.79 44.07 -13.64
N GLY B 195 23.54 42.79 -13.36
CA GLY B 195 24.30 41.72 -13.95
C GLY B 195 25.30 41.06 -13.02
N VAL B 196 25.33 41.43 -11.75
CA VAL B 196 26.24 40.83 -10.79
C VAL B 196 25.72 39.45 -10.42
N HIS B 197 26.56 38.43 -10.59
CA HIS B 197 26.23 37.06 -10.22
C HIS B 197 27.30 36.55 -9.26
N THR B 198 27.09 36.80 -7.97
CA THR B 198 28.02 36.32 -6.95
C THR B 198 27.67 34.88 -6.61
N PHE B 199 28.53 33.96 -7.02
CA PHE B 199 28.31 32.54 -6.80
C PHE B 199 28.57 32.18 -5.34
N PRO B 200 27.93 31.12 -4.84
CA PRO B 200 28.22 30.68 -3.47
C PRO B 200 29.63 30.13 -3.34
N ALA B 201 30.15 30.22 -2.12
CA ALA B 201 31.51 29.79 -1.83
C ALA B 201 31.58 28.27 -1.85
N VAL B 202 32.25 27.72 -2.84
CA VAL B 202 32.40 26.28 -2.97
C VAL B 202 33.61 25.85 -2.16
N LEU B 203 33.51 24.69 -1.51
CA LEU B 203 34.57 24.19 -0.65
C LEU B 203 35.66 23.55 -1.50
N GLN B 204 36.86 24.13 -1.46
CA GLN B 204 37.98 23.58 -2.21
C GLN B 204 38.50 22.33 -1.52
N SER B 205 38.95 21.36 -2.32
CA SER B 205 39.38 20.06 -1.81
C SER B 205 40.67 20.12 -1.00
N SER B 206 41.41 21.22 -1.06
CA SER B 206 42.61 21.38 -0.25
C SER B 206 42.31 21.87 1.16
N GLY B 207 41.04 22.12 1.50
CA GLY B 207 40.66 22.54 2.82
C GLY B 207 40.23 24.00 2.92
N LEU B 208 40.51 24.81 1.91
CA LEU B 208 40.15 26.23 1.93
C LEU B 208 38.84 26.43 1.17
N TYR B 209 38.48 27.69 0.94
CA TYR B 209 37.28 28.04 0.20
C TYR B 209 37.65 28.80 -1.07
N SER B 210 36.72 28.77 -2.04
CA SER B 210 36.88 29.49 -3.30
C SER B 210 35.53 30.03 -3.72
N LEU B 211 35.55 31.13 -4.47
CA LEU B 211 34.33 31.81 -4.87
C LEU B 211 34.57 32.58 -6.15
N SER B 212 33.52 32.68 -6.97
CA SER B 212 33.60 33.37 -8.25
C SER B 212 32.52 34.44 -8.31
N SER B 213 32.87 35.58 -8.91
CA SER B 213 31.92 36.65 -9.17
C SER B 213 32.17 37.16 -10.58
N VAL B 214 31.11 37.64 -11.22
CA VAL B 214 31.18 38.07 -12.62
C VAL B 214 30.05 39.06 -12.87
N VAL B 215 30.28 40.01 -13.78
CA VAL B 215 29.27 40.98 -14.19
C VAL B 215 29.08 40.87 -15.69
N THR B 216 28.00 41.48 -16.18
CA THR B 216 27.67 41.51 -17.60
C THR B 216 27.95 42.91 -18.11
N VAL B 217 29.08 43.07 -18.80
CA VAL B 217 29.50 44.36 -19.36
C VAL B 217 29.02 44.41 -20.82
N PRO B 218 28.41 45.50 -21.25
CA PRO B 218 28.05 45.63 -22.67
C PRO B 218 29.28 45.74 -23.56
N SER B 219 29.11 45.34 -24.82
CA SER B 219 30.23 45.32 -25.76
C SER B 219 30.62 46.73 -26.21
N SER B 220 29.75 47.72 -26.06
CA SER B 220 30.05 49.08 -26.47
C SER B 220 30.95 49.82 -25.50
N SER B 221 31.13 49.30 -24.28
CA SER B 221 31.92 49.96 -23.25
C SER B 221 32.84 48.95 -22.57
N LEU B 222 33.51 48.13 -23.38
CA LEU B 222 34.38 47.09 -22.83
C LEU B 222 35.70 47.68 -22.36
N GLY B 223 36.40 48.40 -23.23
CA GLY B 223 37.70 48.95 -22.90
C GLY B 223 37.65 50.40 -22.45
N THR B 224 36.47 51.00 -22.52
CA THR B 224 36.35 52.41 -22.14
C THR B 224 36.23 52.57 -20.63
N GLN B 225 35.18 51.98 -20.04
CA GLN B 225 34.93 52.14 -18.61
C GLN B 225 35.80 51.19 -17.80
N THR B 226 36.40 51.70 -16.74
CA THR B 226 37.27 50.92 -15.86
C THR B 226 36.44 50.35 -14.72
N TYR B 227 36.47 49.02 -14.59
CA TYR B 227 35.74 48.32 -13.54
C TYR B 227 36.72 47.86 -12.46
N ILE B 228 36.38 48.12 -11.20
CA ILE B 228 37.19 47.69 -10.08
C ILE B 228 36.49 46.52 -9.40
N CYS B 229 37.24 45.81 -8.56
CA CYS B 229 36.79 44.56 -7.95
C CYS B 229 37.09 44.64 -6.45
N ASN B 230 36.08 45.03 -5.67
CA ASN B 230 36.25 45.27 -4.25
C ASN B 230 35.78 44.05 -3.47
N VAL B 231 36.69 43.44 -2.73
CA VAL B 231 36.37 42.34 -1.82
C VAL B 231 36.58 42.81 -0.39
N ASN B 232 35.87 42.18 0.53
CA ASN B 232 35.91 42.53 1.94
C ASN B 232 35.89 41.25 2.77
N HIS B 233 37.01 40.93 3.41
CA HIS B 233 37.11 39.78 4.30
C HIS B 233 37.11 40.31 5.73
N LYS B 234 36.10 39.94 6.50
CA LYS B 234 35.90 40.51 7.83
C LYS B 234 36.77 39.89 8.94
N PRO B 235 36.92 38.51 9.07
CA PRO B 235 37.82 38.03 10.14
C PRO B 235 39.28 38.36 9.91
N SER B 236 39.81 37.98 8.75
CA SER B 236 41.16 38.35 8.35
C SER B 236 41.07 39.69 7.64
N ASN B 237 41.56 40.75 8.29
CA ASN B 237 41.32 42.12 7.85
C ASN B 237 42.10 42.44 6.59
N THR B 238 41.44 42.28 5.43
CA THR B 238 41.99 42.68 4.15
C THR B 238 40.88 43.23 3.27
N LYS B 239 41.25 44.20 2.44
CA LYS B 239 40.33 44.85 1.50
C LYS B 239 41.09 45.01 0.20
N VAL B 240 41.00 44.00 -0.67
CA VAL B 240 41.75 43.99 -1.92
C VAL B 240 40.85 44.58 -3.01
N ASP B 241 41.36 45.62 -3.68
CA ASP B 241 40.64 46.28 -4.75
C ASP B 241 41.52 46.20 -6.00
N LYS B 242 41.23 45.25 -6.87
CA LYS B 242 42.00 45.04 -8.09
C LYS B 242 41.24 45.52 -9.31
N LYS B 243 42.00 45.87 -10.34
CA LYS B 243 41.48 46.36 -11.60
C LYS B 243 41.53 45.24 -12.64
N VAL B 244 40.45 45.09 -13.40
CA VAL B 244 40.37 44.10 -14.46
C VAL B 244 40.53 44.80 -15.80
N GLU B 245 41.18 44.13 -16.75
CA GLU B 245 41.46 44.69 -18.06
C GLU B 245 41.62 43.54 -19.04
N PRO B 246 41.35 43.77 -20.33
CA PRO B 246 41.65 42.74 -21.32
C PRO B 246 43.14 42.61 -21.57
N LYS B 247 43.57 41.39 -21.86
CA LYS B 247 44.99 41.09 -22.06
C LYS B 247 45.50 41.68 -23.37
N GLN C 25 20.18 1.43 -31.43
CA GLN C 25 19.43 0.81 -32.51
C GLN C 25 18.02 1.38 -32.60
N VAL C 26 17.70 2.30 -31.69
CA VAL C 26 16.38 2.91 -31.67
C VAL C 26 16.28 3.98 -32.76
N GLN C 27 15.05 4.38 -33.05
CA GLN C 27 14.80 5.41 -34.04
C GLN C 27 13.57 6.21 -33.63
N LEU C 28 13.43 7.38 -34.23
CA LEU C 28 12.35 8.32 -33.91
C LEU C 28 11.49 8.48 -35.16
N GLN C 29 10.35 7.79 -35.19
CA GLN C 29 9.41 7.91 -36.29
C GLN C 29 8.39 8.99 -35.96
N GLU C 30 8.17 9.90 -36.89
CA GLU C 30 7.26 11.03 -36.70
C GLU C 30 6.20 11.04 -37.78
N SER C 31 5.16 11.83 -37.54
CA SER C 31 4.07 12.02 -38.49
C SER C 31 3.52 13.43 -38.30
N GLY C 32 2.36 13.69 -38.89
CA GLY C 32 1.76 15.00 -38.83
C GLY C 32 2.42 15.97 -39.79
N GLY C 33 1.98 17.22 -39.69
CA GLY C 33 2.52 18.27 -40.53
C GLY C 33 1.69 18.49 -41.78
N GLY C 34 2.21 19.36 -42.63
CA GLY C 34 1.57 19.69 -43.89
C GLY C 34 1.12 21.14 -43.94
N LEU C 35 0.65 21.53 -45.12
CA LEU C 35 0.17 22.88 -45.36
C LEU C 35 -1.19 23.06 -44.68
N VAL C 36 -1.18 23.73 -43.54
CA VAL C 36 -2.40 23.98 -42.78
C VAL C 36 -2.80 25.43 -42.97
N GLN C 37 -4.00 25.78 -42.50
CA GLN C 37 -4.51 27.13 -42.63
C GLN C 37 -3.76 28.07 -41.68
N PRO C 38 -3.61 29.34 -42.07
CA PRO C 38 -2.96 30.31 -41.17
C PRO C 38 -3.84 30.63 -39.98
N GLY C 39 -3.27 30.44 -38.78
CA GLY C 39 -4.02 30.59 -37.55
C GLY C 39 -4.78 29.35 -37.12
N GLY C 40 -4.55 28.22 -37.77
CA GLY C 40 -5.26 26.99 -37.47
C GLY C 40 -4.58 26.15 -36.41
N SER C 41 -4.74 24.84 -36.52
CA SER C 41 -4.22 23.90 -35.54
C SER C 41 -3.59 22.72 -36.26
N LEU C 42 -2.79 21.95 -35.50
CA LEU C 42 -2.08 20.81 -36.04
C LEU C 42 -1.67 19.91 -34.87
N ARG C 43 -1.68 18.61 -35.11
CA ARG C 43 -1.28 17.62 -34.10
C ARG C 43 -0.05 16.88 -34.61
N LEU C 44 1.10 17.17 -34.01
CA LEU C 44 2.31 16.44 -34.35
C LEU C 44 2.38 15.14 -33.57
N SER C 45 3.28 14.25 -34.02
CA SER C 45 3.49 12.99 -33.35
C SER C 45 4.94 12.58 -33.52
N CYS C 46 5.46 11.85 -32.54
CA CYS C 46 6.84 11.36 -32.61
C CYS C 46 6.90 10.07 -31.78
N ALA C 47 6.85 8.94 -32.47
CA ALA C 47 6.94 7.63 -31.82
C ALA C 47 8.37 7.11 -31.86
N ALA C 48 8.67 6.21 -30.93
CA ALA C 48 9.99 5.60 -30.84
C ALA C 48 9.83 4.11 -30.59
N SER C 49 10.66 3.31 -31.27
CA SER C 49 10.64 1.87 -31.14
C SER C 49 12.02 1.36 -30.80
N GLY C 50 12.08 0.43 -29.85
CA GLY C 50 13.33 -0.16 -29.39
C GLY C 50 13.60 0.08 -27.91
N ARG C 51 13.11 1.20 -27.37
CA ARG C 51 13.31 1.52 -25.96
C ARG C 51 12.15 2.40 -25.52
N THR C 52 11.69 2.21 -24.29
CA THR C 52 10.52 2.89 -23.77
C THR C 52 10.79 4.38 -23.53
N ILE C 53 9.71 5.10 -23.23
CA ILE C 53 9.75 6.55 -23.10
C ILE C 53 9.64 7.01 -21.65
N SER C 54 8.98 6.24 -20.79
CA SER C 54 8.58 6.67 -19.45
C SER C 54 9.75 6.93 -18.50
N ARG C 55 10.96 6.52 -18.83
CA ARG C 55 12.12 6.83 -18.01
C ARG C 55 13.07 7.81 -18.69
N TYR C 56 12.68 8.36 -19.83
CA TYR C 56 13.48 9.34 -20.56
C TYR C 56 12.71 10.66 -20.69
N ALA C 57 13.29 11.59 -21.44
CA ALA C 57 12.68 12.89 -21.69
C ALA C 57 12.86 13.24 -23.16
N MET C 58 11.77 13.63 -23.83
CA MET C 58 11.80 13.97 -25.24
C MET C 58 11.65 15.48 -25.42
N SER C 59 12.29 15.99 -26.46
CA SER C 59 12.31 17.42 -26.74
C SER C 59 11.75 17.68 -28.14
N TRP C 60 11.73 18.95 -28.52
CA TRP C 60 11.25 19.38 -29.82
C TRP C 60 12.10 20.54 -30.31
N PHE C 61 12.49 20.49 -31.57
CA PHE C 61 13.37 21.49 -32.18
C PHE C 61 12.65 22.19 -33.32
N ARG C 62 13.34 23.18 -33.89
CA ARG C 62 12.81 23.96 -35.00
C ARG C 62 13.98 24.56 -35.78
N GLN C 63 13.97 24.37 -37.09
CA GLN C 63 15.02 24.90 -37.97
C GLN C 63 14.38 25.75 -39.05
N ALA C 64 14.39 27.06 -38.86
CA ALA C 64 13.89 27.98 -39.87
C ALA C 64 14.97 28.23 -40.92
N PRO C 65 14.58 28.50 -42.18
CA PRO C 65 15.58 28.86 -43.19
C PRO C 65 16.23 30.20 -42.92
N GLY C 66 17.53 30.19 -42.65
CA GLY C 66 18.26 31.39 -42.30
C GLY C 66 18.96 31.26 -40.96
N LYS C 67 18.28 30.62 -40.01
CA LYS C 67 18.84 30.27 -38.71
C LYS C 67 19.01 28.74 -38.66
N GLU C 68 19.35 28.23 -37.48
CA GLU C 68 19.44 26.79 -37.31
C GLU C 68 19.15 26.38 -35.88
N ARG C 69 18.29 25.36 -35.74
CA ARG C 69 18.15 24.54 -34.54
C ARG C 69 17.70 25.34 -33.31
N GLU C 70 16.50 25.92 -33.40
CA GLU C 70 15.93 26.59 -32.24
C GLU C 70 15.27 25.56 -31.32
N PHE C 71 14.73 26.03 -30.21
CA PHE C 71 14.08 25.19 -29.22
C PHE C 71 12.57 25.40 -29.24
N VAL C 72 11.83 24.33 -28.97
CA VAL C 72 10.38 24.42 -28.93
C VAL C 72 9.87 24.02 -27.55
N ALA C 73 10.09 22.77 -27.16
CA ALA C 73 9.47 22.24 -25.94
C ALA C 73 10.24 21.01 -25.47
N VAL C 74 9.86 20.53 -24.29
CA VAL C 74 10.44 19.35 -23.69
C VAL C 74 9.42 18.79 -22.68
N ALA C 75 9.45 17.47 -22.50
CA ALA C 75 8.60 16.79 -21.52
C ALA C 75 9.49 15.97 -20.61
N ARG C 76 9.45 16.28 -19.31
CA ARG C 76 10.43 15.72 -18.38
C ARG C 76 10.04 14.31 -17.93
N ARG C 77 8.94 14.17 -17.22
CA ARG C 77 8.52 12.90 -16.64
C ARG C 77 7.01 12.79 -16.76
N SER C 78 6.45 11.81 -16.04
CA SER C 78 5.00 11.66 -16.01
C SER C 78 4.36 12.58 -14.98
N GLY C 79 4.99 12.72 -13.81
CA GLY C 79 4.49 13.58 -12.76
C GLY C 79 5.00 15.01 -12.80
N ASP C 80 5.81 15.36 -13.78
CA ASP C 80 6.34 16.70 -13.92
C ASP C 80 5.62 17.45 -15.04
N GLY C 81 6.08 18.66 -15.31
CA GLY C 81 5.48 19.52 -16.31
C GLY C 81 6.37 19.71 -17.53
N ALA C 82 5.90 20.57 -18.42
CA ALA C 82 6.61 20.89 -19.65
C ALA C 82 7.31 22.24 -19.51
N PHE C 83 8.29 22.46 -20.38
CA PHE C 83 9.09 23.68 -20.37
C PHE C 83 9.26 24.15 -21.81
N TYR C 84 8.88 25.39 -22.07
CA TYR C 84 8.76 25.90 -23.43
C TYR C 84 9.85 26.92 -23.72
N ALA C 85 9.79 27.52 -24.90
CA ALA C 85 10.76 28.51 -25.32
C ALA C 85 10.18 29.91 -25.16
N ASP C 86 10.91 30.92 -25.65
CA ASP C 86 10.51 32.30 -25.45
C ASP C 86 9.33 32.68 -26.35
N SER C 87 9.33 32.20 -27.58
CA SER C 87 8.34 32.62 -28.57
C SER C 87 7.16 31.65 -28.69
N VAL C 88 7.22 30.49 -28.05
CA VAL C 88 6.14 29.51 -28.12
C VAL C 88 5.53 29.23 -26.75
N GLN C 89 5.81 30.06 -25.76
CA GLN C 89 5.29 29.84 -24.41
C GLN C 89 3.80 30.15 -24.34
N GLY C 90 3.04 29.25 -23.73
CA GLY C 90 1.61 29.45 -23.57
C GLY C 90 0.82 29.30 -24.84
N ARG C 91 1.38 28.68 -25.87
CA ARG C 91 0.70 28.56 -27.14
C ARG C 91 0.64 27.11 -27.58
N PHE C 92 1.66 26.33 -27.22
CA PHE C 92 1.71 24.91 -27.57
C PHE C 92 1.29 24.09 -26.35
N THR C 93 1.12 22.79 -26.57
CA THR C 93 0.72 21.88 -25.51
C THR C 93 1.39 20.54 -25.73
N VAL C 94 2.11 20.06 -24.74
CA VAL C 94 2.83 18.79 -24.84
C VAL C 94 2.10 17.77 -23.97
N SER C 95 1.41 16.83 -24.62
CA SER C 95 0.89 15.67 -23.93
C SER C 95 1.93 14.56 -23.97
N ARG C 96 1.64 13.48 -23.24
CA ARG C 96 2.57 12.35 -23.19
C ARG C 96 1.81 11.08 -22.87
N ASP C 97 1.97 10.06 -23.71
CA ASP C 97 1.33 8.77 -23.53
C ASP C 97 2.44 7.72 -23.47
N ASP C 98 2.86 7.38 -22.26
CA ASP C 98 3.94 6.41 -22.08
C ASP C 98 3.48 4.98 -22.33
N ALA C 99 2.18 4.72 -22.29
CA ALA C 99 1.68 3.36 -22.54
C ALA C 99 1.75 2.98 -24.01
N LYS C 100 1.77 3.96 -24.91
CA LYS C 100 1.85 3.71 -26.34
C LYS C 100 3.18 4.12 -26.94
N ASN C 101 4.08 4.72 -26.14
CA ASN C 101 5.41 5.17 -26.55
C ASN C 101 5.35 6.18 -27.70
N THR C 102 4.37 7.08 -27.63
CA THR C 102 4.18 8.11 -28.65
C THR C 102 3.84 9.40 -27.95
N VAL C 103 4.79 10.34 -27.92
CA VAL C 103 4.59 11.63 -27.29
C VAL C 103 4.10 12.62 -28.34
N TYR C 104 2.88 13.12 -28.14
CA TYR C 104 2.26 14.00 -29.12
C TYR C 104 2.78 15.44 -28.95
N LEU C 105 2.26 16.34 -29.78
CA LEU C 105 2.53 17.76 -29.66
C LEU C 105 1.29 18.51 -30.14
N GLN C 106 0.42 18.85 -29.19
CA GLN C 106 -0.76 19.65 -29.52
C GLN C 106 -0.33 21.08 -29.80
N MET C 107 -0.83 21.62 -30.91
CA MET C 107 -0.33 22.89 -31.41
C MET C 107 -1.49 23.76 -31.88
N ASN C 108 -1.52 24.99 -31.38
CA ASN C 108 -2.56 25.95 -31.73
C ASN C 108 -1.92 27.30 -32.03
N SER C 109 -2.70 28.17 -32.69
CA SER C 109 -2.32 29.53 -33.06
C SER C 109 -1.06 29.55 -33.94
N LEU C 110 -1.18 28.94 -35.11
CA LEU C 110 -0.07 28.83 -36.05
C LEU C 110 0.15 30.18 -36.73
N LYS C 111 1.26 30.83 -36.41
CA LYS C 111 1.62 32.07 -37.07
C LYS C 111 2.48 31.79 -38.29
N PRO C 112 2.53 32.69 -39.28
CA PRO C 112 3.40 32.47 -40.44
C PRO C 112 4.88 32.70 -40.16
N GLU C 113 5.27 33.06 -38.94
CA GLU C 113 6.67 33.18 -38.58
C GLU C 113 7.25 31.87 -38.03
N ASP C 114 6.51 30.77 -38.11
CA ASP C 114 6.98 29.46 -37.68
C ASP C 114 7.04 28.47 -38.84
N THR C 115 7.14 28.95 -40.08
CA THR C 115 7.24 28.08 -41.23
C THR C 115 8.62 27.44 -41.27
N ALA C 116 8.75 26.25 -40.68
CA ALA C 116 10.04 25.60 -40.56
C ALA C 116 9.84 24.09 -40.59
N VAL C 117 10.94 23.36 -40.41
CA VAL C 117 10.94 21.91 -40.41
C VAL C 117 11.13 21.46 -38.97
N TYR C 118 10.06 20.96 -38.36
CA TYR C 118 10.09 20.56 -36.96
C TYR C 118 10.81 19.22 -36.80
N TYR C 119 11.62 19.13 -35.75
CA TYR C 119 12.41 17.94 -35.46
C TYR C 119 11.89 17.27 -34.19
N CYS C 120 12.61 16.24 -33.76
CA CYS C 120 12.26 15.48 -32.56
C CYS C 120 13.50 14.80 -32.05
N ALA C 121 13.74 14.87 -30.74
CA ALA C 121 14.98 14.37 -30.15
C ALA C 121 14.68 13.59 -28.88
N ILE C 122 15.69 12.87 -28.41
CA ILE C 122 15.61 12.06 -27.20
C ILE C 122 16.84 12.38 -26.33
N ASP C 123 16.62 12.46 -25.02
CA ASP C 123 17.70 12.71 -24.08
C ASP C 123 18.22 11.39 -23.54
N SER C 124 19.53 11.31 -23.36
CA SER C 124 20.19 10.08 -22.90
C SER C 124 20.66 10.20 -21.46
N ASP C 125 19.88 10.87 -20.62
CA ASP C 125 20.22 11.01 -19.20
C ASP C 125 18.94 11.03 -18.40
N THR C 126 18.94 10.32 -17.27
CA THR C 126 17.82 10.35 -16.35
C THR C 126 17.80 11.60 -15.48
N PHE C 127 18.90 12.36 -15.46
CA PHE C 127 18.95 13.63 -14.76
C PHE C 127 18.57 14.80 -15.66
N TYR C 128 18.07 14.51 -16.87
CA TYR C 128 17.66 15.47 -17.91
C TYR C 128 18.68 16.59 -18.13
N SER C 129 19.95 16.20 -18.20
CA SER C 129 21.02 17.16 -18.44
C SER C 129 21.07 17.61 -19.89
N GLY C 130 20.60 16.78 -20.82
CA GLY C 130 20.54 17.17 -22.22
C GLY C 130 21.50 16.42 -23.11
N SER C 131 21.80 15.16 -22.77
CA SER C 131 22.63 14.31 -23.62
C SER C 131 21.80 13.87 -24.82
N TYR C 132 21.93 14.58 -25.93
CA TYR C 132 21.15 14.30 -27.13
C TYR C 132 21.99 13.49 -28.10
N ASP C 133 21.67 12.21 -28.23
CA ASP C 133 22.39 11.29 -29.11
C ASP C 133 21.63 10.99 -30.39
N TYR C 134 20.38 10.55 -30.28
CA TYR C 134 19.56 10.20 -31.45
C TYR C 134 18.62 11.35 -31.77
N TRP C 135 18.53 11.68 -33.06
CA TRP C 135 17.71 12.77 -33.56
C TRP C 135 16.57 12.20 -34.40
N GLY C 136 15.79 13.10 -34.98
CA GLY C 136 14.70 12.74 -35.87
C GLY C 136 15.10 12.89 -37.32
N GLN C 137 14.09 13.08 -38.18
CA GLN C 137 14.31 13.28 -39.60
C GLN C 137 13.81 14.63 -40.08
N GLY C 138 12.60 15.00 -39.73
CA GLY C 138 12.04 16.29 -40.09
C GLY C 138 10.58 16.19 -40.48
N THR C 139 9.87 17.30 -40.31
CA THR C 139 8.46 17.39 -40.65
C THR C 139 8.19 18.74 -41.28
N GLN C 140 7.78 18.74 -42.56
CA GLN C 140 7.56 19.97 -43.30
C GLN C 140 6.27 20.63 -42.81
N VAL C 141 6.42 21.79 -42.18
CA VAL C 141 5.28 22.58 -41.70
C VAL C 141 5.34 23.94 -42.39
N THR C 142 4.30 24.25 -43.16
CA THR C 142 4.22 25.49 -43.91
C THR C 142 2.89 26.17 -43.60
N VAL C 143 2.95 27.43 -43.20
CA VAL C 143 1.78 28.22 -42.86
C VAL C 143 1.51 29.20 -44.00
N SER C 144 0.35 29.06 -44.63
CA SER C 144 -0.12 29.88 -45.77
C SER C 144 0.86 29.93 -46.94
N ASP D 21 17.33 4.25 11.45
CA ASP D 21 16.34 3.21 11.64
C ASP D 21 15.43 3.13 10.41
N ILE D 22 14.28 3.81 10.48
CA ILE D 22 13.33 3.80 9.38
C ILE D 22 13.64 4.94 8.43
N GLN D 23 13.12 4.83 7.21
CA GLN D 23 13.35 5.81 6.16
C GLN D 23 12.04 6.52 5.82
N MET D 24 12.17 7.65 5.11
CA MET D 24 11.00 8.45 4.75
C MET D 24 11.33 9.11 3.41
N THR D 25 10.94 8.44 2.32
CA THR D 25 11.30 8.91 0.98
C THR D 25 10.37 10.02 0.53
N GLN D 26 10.83 10.78 -0.46
CA GLN D 26 10.10 11.96 -0.93
C GLN D 26 10.49 12.17 -2.39
N SER D 27 9.58 11.83 -3.30
CA SER D 27 9.92 11.69 -4.72
C SER D 27 10.06 13.01 -5.50
N PRO D 28 9.09 13.97 -5.49
CA PRO D 28 9.26 15.08 -6.46
C PRO D 28 10.26 16.15 -5.99
N SER D 29 11.55 15.78 -6.04
CA SER D 29 12.61 16.58 -5.43
C SER D 29 12.92 17.86 -6.20
N SER D 30 12.37 18.06 -7.39
CA SER D 30 12.60 19.27 -8.17
C SER D 30 11.30 19.62 -8.88
N LEU D 31 10.53 20.54 -8.30
CA LEU D 31 9.28 21.00 -8.88
C LEU D 31 9.44 22.40 -9.45
N SER D 32 8.53 22.75 -10.35
CA SER D 32 8.51 24.07 -10.96
C SER D 32 7.08 24.42 -11.29
N ALA D 33 6.62 25.56 -10.79
CA ALA D 33 5.25 25.99 -11.02
C ALA D 33 5.17 27.51 -10.94
N SER D 34 4.28 28.09 -11.74
CA SER D 34 4.09 29.52 -11.76
C SER D 34 3.18 29.94 -10.62
N VAL D 35 2.94 31.25 -10.52
CA VAL D 35 2.08 31.81 -9.48
C VAL D 35 0.63 31.46 -9.82
N GLY D 36 0.00 30.64 -8.98
CA GLY D 36 -1.35 30.21 -9.24
C GLY D 36 -1.42 28.83 -9.87
N ASP D 37 -0.65 27.89 -9.32
CA ASP D 37 -0.61 26.53 -9.82
C ASP D 37 -0.71 25.57 -8.64
N ARG D 38 -1.19 24.36 -8.92
CA ARG D 38 -1.38 23.33 -7.91
C ARG D 38 -0.25 22.32 -7.99
N VAL D 39 0.40 22.07 -6.86
CA VAL D 39 1.52 21.12 -6.79
C VAL D 39 1.17 20.04 -5.77
N THR D 40 1.76 18.86 -5.99
CA THR D 40 1.59 17.72 -5.09
C THR D 40 2.97 17.20 -4.71
N ILE D 41 3.20 17.06 -3.40
CA ILE D 41 4.47 16.58 -2.87
C ILE D 41 4.17 15.30 -2.09
N THR D 42 4.48 14.16 -2.68
CA THR D 42 4.22 12.89 -2.01
C THR D 42 5.38 12.54 -1.07
N CYS D 43 5.09 11.63 -0.14
CA CYS D 43 6.09 11.22 0.85
C CYS D 43 5.75 9.80 1.29
N ARG D 44 6.49 8.82 0.74
CA ARG D 44 6.26 7.42 1.04
C ARG D 44 7.03 7.01 2.29
N ALA D 45 6.37 6.28 3.18
CA ALA D 45 7.00 5.79 4.40
C ALA D 45 7.53 4.38 4.19
N SER D 46 8.41 3.96 5.10
CA SER D 46 8.96 2.61 5.07
C SER D 46 8.09 1.63 5.87
N GLN D 47 7.89 1.90 7.16
CA GLN D 47 7.01 1.08 7.97
C GLN D 47 5.59 1.63 7.94
N SER D 48 4.71 0.99 8.69
CA SER D 48 3.30 1.39 8.76
C SER D 48 3.11 2.42 9.87
N VAL D 49 3.72 3.59 9.65
CA VAL D 49 3.62 4.69 10.60
C VAL D 49 2.21 5.25 10.55
N SER D 50 1.65 5.57 11.72
CA SER D 50 0.28 6.02 11.85
C SER D 50 0.14 7.47 11.38
N SER D 51 -1.01 8.07 11.64
CA SER D 51 -1.29 9.43 11.19
C SER D 51 -0.51 10.46 11.99
N ALA D 52 0.82 10.47 11.83
CA ALA D 52 1.68 11.42 12.53
C ALA D 52 2.86 11.70 11.61
N VAL D 53 2.73 12.76 10.81
CA VAL D 53 3.80 13.24 9.94
C VAL D 53 3.61 14.75 9.82
N ALA D 54 4.69 15.46 9.58
CA ALA D 54 4.63 16.91 9.51
C ALA D 54 5.26 17.40 8.22
N TRP D 55 5.07 18.70 7.97
CA TRP D 55 5.56 19.35 6.76
C TRP D 55 6.15 20.69 7.13
N TYR D 56 7.32 20.99 6.58
CA TYR D 56 8.08 22.19 6.93
C TYR D 56 8.23 23.10 5.72
N GLN D 57 8.72 24.30 5.98
CA GLN D 57 8.95 25.29 4.92
C GLN D 57 10.17 26.11 5.34
N GLN D 58 11.33 25.78 4.79
CA GLN D 58 12.58 26.43 5.15
C GLN D 58 13.01 27.35 4.01
N LYS D 59 13.01 28.65 4.29
CA LYS D 59 13.64 29.60 3.39
C LYS D 59 15.16 29.41 3.44
N PRO D 60 15.87 29.74 2.35
CA PRO D 60 17.34 29.64 2.39
C PRO D 60 17.98 30.62 3.35
N GLY D 61 18.52 30.10 4.45
CA GLY D 61 19.17 30.90 5.47
C GLY D 61 18.40 30.97 6.78
N LYS D 62 17.07 30.92 6.70
CA LYS D 62 16.23 31.06 7.89
C LYS D 62 15.96 29.69 8.50
N ALA D 63 15.03 29.65 9.46
CA ALA D 63 14.62 28.52 10.26
C ALA D 63 13.39 27.84 9.67
N PRO D 64 13.25 26.53 9.85
CA PRO D 64 12.02 25.85 9.42
C PRO D 64 10.83 26.26 10.26
N LYS D 65 9.64 26.11 9.66
CA LYS D 65 8.39 26.44 10.30
C LYS D 65 7.43 25.26 10.16
N LEU D 66 6.67 25.00 11.21
CA LEU D 66 5.66 23.94 11.14
C LEU D 66 4.47 24.41 10.33
N LEU D 67 4.06 23.59 9.37
CA LEU D 67 2.98 23.92 8.45
C LEU D 67 1.78 23.00 8.61
N ILE D 68 1.99 21.69 8.57
CA ILE D 68 0.95 20.69 8.73
C ILE D 68 1.38 19.77 9.87
N TYR D 69 0.45 19.46 10.77
CA TYR D 69 0.69 18.46 11.81
C TYR D 69 -0.44 17.45 11.83
N SER D 70 -0.09 16.21 12.21
CA SER D 70 -0.98 15.04 12.23
C SER D 70 -1.56 14.73 10.86
N ALA D 71 -0.84 15.10 9.79
CA ALA D 71 -1.06 14.73 8.39
C ALA D 71 -2.33 15.30 7.76
N SER D 72 -3.19 15.96 8.54
CA SER D 72 -4.41 16.55 7.99
C SER D 72 -4.74 17.92 8.54
N SER D 73 -4.24 18.30 9.71
CA SER D 73 -4.62 19.55 10.34
C SER D 73 -3.70 20.67 9.91
N LEU D 74 -4.19 21.90 10.05
CA LEU D 74 -3.46 23.10 9.68
C LEU D 74 -2.95 23.78 10.94
N TYR D 75 -1.70 24.19 10.93
CA TYR D 75 -1.10 24.85 12.09
C TYR D 75 -1.68 26.25 12.25
N SER D 76 -1.83 26.68 13.51
CA SER D 76 -2.40 27.99 13.79
C SER D 76 -1.36 29.07 13.48
N GLY D 77 -1.59 29.81 12.40
CA GLY D 77 -0.69 30.88 12.03
C GLY D 77 -0.43 30.97 10.54
N VAL D 78 -0.49 29.84 9.84
CA VAL D 78 -0.23 29.80 8.41
C VAL D 78 -1.55 29.99 7.67
N PRO D 79 -1.55 30.54 6.45
CA PRO D 79 -2.81 30.72 5.72
C PRO D 79 -3.39 29.39 5.25
N SER D 80 -4.65 29.46 4.79
CA SER D 80 -5.44 28.28 4.49
C SER D 80 -5.26 27.79 3.06
N ARG D 81 -4.17 28.16 2.39
CA ARG D 81 -3.87 27.65 1.06
C ARG D 81 -3.02 26.39 1.09
N PHE D 82 -2.84 25.78 2.26
CA PHE D 82 -2.11 24.53 2.41
C PHE D 82 -3.05 23.47 2.96
N SER D 83 -2.78 22.22 2.59
CA SER D 83 -3.58 21.10 3.07
C SER D 83 -2.71 19.85 3.04
N GLY D 84 -3.33 18.71 3.28
CA GLY D 84 -2.62 17.44 3.28
C GLY D 84 -3.61 16.30 3.15
N SER D 85 -3.05 15.09 3.05
CA SER D 85 -3.88 13.91 2.89
C SER D 85 -3.18 12.73 3.56
N ARG D 86 -3.83 11.56 3.48
CA ARG D 86 -3.30 10.34 4.08
C ARG D 86 -3.82 9.17 3.28
N SER D 87 -2.90 8.41 2.68
CA SER D 87 -3.26 7.20 1.93
C SER D 87 -2.30 6.10 2.39
N GLY D 88 -2.67 5.41 3.48
CA GLY D 88 -1.84 4.37 4.04
C GLY D 88 -0.52 4.87 4.57
N THR D 89 0.56 4.56 3.87
CA THR D 89 1.89 5.09 4.18
C THR D 89 2.34 6.11 3.14
N ASP D 90 1.41 6.70 2.40
CA ASP D 90 1.71 7.70 1.38
C ASP D 90 1.03 9.01 1.77
N PHE D 91 1.82 9.99 2.20
CA PHE D 91 1.33 11.28 2.61
C PHE D 91 1.64 12.31 1.53
N THR D 92 0.66 13.16 1.23
CA THR D 92 0.75 14.09 0.10
C THR D 92 0.33 15.49 0.53
N LEU D 93 1.21 16.46 0.32
CA LEU D 93 0.88 17.87 0.52
C LEU D 93 0.35 18.46 -0.78
N THR D 94 -0.66 19.30 -0.66
CA THR D 94 -1.23 20.00 -1.81
C THR D 94 -1.28 21.50 -1.51
N ILE D 95 -1.12 22.30 -2.56
CA ILE D 95 -1.21 23.75 -2.48
C ILE D 95 -2.24 24.21 -3.51
N SER D 96 -3.24 24.96 -3.06
CA SER D 96 -4.28 25.42 -3.97
C SER D 96 -3.79 26.57 -4.85
N SER D 97 -3.40 27.68 -4.23
CA SER D 97 -2.86 28.83 -4.93
C SER D 97 -1.42 29.05 -4.48
N LEU D 98 -0.50 29.13 -5.43
CA LEU D 98 0.92 29.21 -5.13
C LEU D 98 1.32 30.68 -5.03
N GLN D 99 1.45 31.16 -3.80
CA GLN D 99 1.92 32.51 -3.53
C GLN D 99 3.40 32.60 -3.91
N PRO D 100 3.87 33.78 -4.33
CA PRO D 100 5.32 33.95 -4.50
C PRO D 100 6.11 33.90 -3.20
N GLU D 101 5.45 34.03 -2.04
CA GLU D 101 6.10 33.74 -0.76
C GLU D 101 6.36 32.26 -0.58
N ASP D 102 5.59 31.38 -1.24
CA ASP D 102 5.63 29.95 -1.00
C ASP D 102 6.71 29.23 -1.80
N PHE D 103 7.73 29.93 -2.29
CA PHE D 103 8.84 29.29 -2.99
C PHE D 103 9.96 29.03 -2.00
N ALA D 104 9.97 27.82 -1.44
CA ALA D 104 10.99 27.40 -0.49
C ALA D 104 11.16 25.89 -0.59
N THR D 105 11.87 25.32 0.37
CA THR D 105 12.12 23.88 0.41
C THR D 105 11.20 23.25 1.43
N TYR D 106 10.42 22.27 0.99
CA TYR D 106 9.43 21.61 1.84
C TYR D 106 9.96 20.25 2.28
N TYR D 107 9.95 20.02 3.58
CA TYR D 107 10.48 18.78 4.17
C TYR D 107 9.34 17.91 4.70
N CYS D 108 9.62 16.63 4.79
CA CYS D 108 8.67 15.62 5.27
C CYS D 108 9.18 15.09 6.60
N GLN D 109 8.47 15.41 7.67
CA GLN D 109 8.91 15.11 9.03
C GLN D 109 7.96 14.10 9.64
N GLN D 110 8.39 12.85 9.75
CA GLN D 110 7.62 11.85 10.47
C GLN D 110 8.07 11.79 11.92
N TYR D 111 7.10 11.69 12.83
CA TYR D 111 7.37 11.59 14.25
C TYR D 111 6.52 10.45 14.81
N LEU D 112 7.17 9.45 15.38
CA LEU D 112 6.47 8.36 16.04
C LEU D 112 6.91 8.21 17.48
N TYR D 113 8.20 8.22 17.74
CA TYR D 113 8.76 8.21 19.08
C TYR D 113 9.76 9.36 19.17
N TYR D 114 10.21 9.64 20.40
CA TYR D 114 11.22 10.66 20.66
C TYR D 114 12.52 10.39 19.90
N SER D 115 12.94 9.12 19.86
CA SER D 115 14.25 8.77 19.31
C SER D 115 14.15 8.04 17.97
N LEU D 116 13.05 8.23 17.24
CA LEU D 116 12.91 7.67 15.90
C LEU D 116 12.54 8.75 14.89
N VAL D 117 12.99 9.98 15.14
CA VAL D 117 12.64 11.13 14.32
C VAL D 117 13.56 11.12 13.11
N THR D 118 13.03 10.72 11.95
CA THR D 118 13.75 10.75 10.69
C THR D 118 13.00 11.67 9.73
N PHE D 119 13.75 12.41 8.92
CA PHE D 119 13.17 13.42 8.05
C PHE D 119 13.02 12.85 6.64
N GLY D 120 12.67 13.71 5.70
CA GLY D 120 12.58 13.36 4.29
C GLY D 120 13.84 13.72 3.54
N GLN D 121 13.66 14.26 2.34
CA GLN D 121 14.78 14.68 1.50
C GLN D 121 14.72 16.14 1.09
N GLY D 122 13.53 16.73 0.99
CA GLY D 122 13.41 18.13 0.64
C GLY D 122 13.09 18.36 -0.83
N THR D 123 12.04 19.13 -1.08
CA THR D 123 11.59 19.45 -2.44
C THR D 123 11.69 20.95 -2.64
N LYS D 124 12.54 21.37 -3.57
CA LYS D 124 12.78 22.78 -3.85
C LYS D 124 11.91 23.20 -5.03
N VAL D 125 10.85 23.93 -4.75
CA VAL D 125 9.96 24.40 -5.80
C VAL D 125 10.57 25.61 -6.49
N GLU D 126 10.25 25.78 -7.76
CA GLU D 126 10.85 26.79 -8.60
C GLU D 126 9.76 27.55 -9.35
N ILE D 127 10.13 28.70 -9.91
CA ILE D 127 9.23 29.50 -10.72
C ILE D 127 9.27 28.99 -12.15
N LYS D 128 8.10 28.70 -12.71
CA LYS D 128 8.01 28.25 -14.09
C LYS D 128 8.39 29.37 -15.05
N ARG D 129 9.34 29.09 -15.93
CA ARG D 129 9.90 30.11 -16.80
C ARG D 129 10.41 29.42 -18.06
N THR D 130 10.50 30.19 -19.15
CA THR D 130 10.86 29.66 -20.45
C THR D 130 12.32 29.20 -20.47
N VAL D 131 12.61 28.24 -21.34
CA VAL D 131 13.96 27.72 -21.49
C VAL D 131 14.78 28.70 -22.30
N ALA D 132 15.91 29.13 -21.75
CA ALA D 132 16.84 30.00 -22.44
C ALA D 132 18.17 29.27 -22.63
N ALA D 133 18.93 29.73 -23.61
CA ALA D 133 20.23 29.15 -23.87
C ALA D 133 21.29 29.76 -22.94
N PRO D 134 22.15 28.94 -22.34
CA PRO D 134 23.18 29.47 -21.45
C PRO D 134 24.28 30.19 -22.24
N SER D 135 24.62 31.39 -21.78
CA SER D 135 25.69 32.18 -22.39
C SER D 135 27.02 31.61 -21.92
N VAL D 136 27.56 30.70 -22.73
CA VAL D 136 28.77 29.96 -22.37
C VAL D 136 29.97 30.87 -22.56
N PHE D 137 30.55 31.34 -21.46
CA PHE D 137 31.67 32.28 -21.48
C PHE D 137 32.85 31.66 -20.76
N ILE D 138 33.97 31.54 -21.47
CA ILE D 138 35.17 30.91 -20.92
C ILE D 138 36.19 32.00 -20.60
N PHE D 139 36.97 31.76 -19.55
CA PHE D 139 37.96 32.71 -19.09
C PHE D 139 39.36 32.08 -19.12
N PRO D 140 40.34 32.71 -19.74
CA PRO D 140 41.71 32.24 -19.65
C PRO D 140 42.27 32.53 -18.26
N PRO D 141 43.29 31.80 -17.81
CA PRO D 141 43.88 32.10 -16.51
C PRO D 141 44.66 33.40 -16.54
N SER D 142 44.62 34.11 -15.42
CA SER D 142 45.27 35.41 -15.35
C SER D 142 46.78 35.26 -15.29
N ASP D 143 47.48 36.38 -15.47
CA ASP D 143 48.93 36.38 -15.44
C ASP D 143 49.50 36.22 -14.05
N SER D 144 48.69 36.40 -13.00
CA SER D 144 49.15 36.24 -11.63
C SER D 144 49.02 34.82 -11.11
N GLN D 145 48.22 33.98 -11.77
CA GLN D 145 48.08 32.60 -11.34
C GLN D 145 49.30 31.76 -11.72
N LEU D 146 49.96 32.09 -12.83
CA LEU D 146 51.13 31.33 -13.25
C LEU D 146 52.35 31.63 -12.39
N LYS D 147 52.39 32.79 -11.72
CA LYS D 147 53.46 33.10 -10.80
C LYS D 147 53.23 32.52 -9.41
N SER D 148 52.08 31.90 -9.16
CA SER D 148 51.79 31.30 -7.87
C SER D 148 51.92 29.79 -7.86
N GLY D 149 51.61 29.12 -8.97
CA GLY D 149 51.70 27.68 -9.06
C GLY D 149 50.37 26.96 -9.19
N THR D 150 49.25 27.69 -9.23
CA THR D 150 47.92 27.10 -9.31
C THR D 150 47.17 27.77 -10.45
N ALA D 151 47.03 27.06 -11.56
CA ALA D 151 46.29 27.57 -12.72
C ALA D 151 44.83 27.19 -12.57
N SER D 152 43.94 28.16 -12.72
CA SER D 152 42.51 27.97 -12.52
C SER D 152 41.76 28.56 -13.71
N VAL D 153 41.19 27.68 -14.54
CA VAL D 153 40.35 28.10 -15.66
C VAL D 153 38.89 27.89 -15.27
N VAL D 154 38.03 28.80 -15.72
CA VAL D 154 36.62 28.76 -15.36
C VAL D 154 35.76 28.94 -16.61
N CYS D 155 34.59 28.30 -16.59
CA CYS D 155 33.58 28.47 -17.62
C CYS D 155 32.31 29.02 -17.00
N LEU D 156 31.82 30.14 -17.52
CA LEU D 156 30.63 30.80 -17.03
C LEU D 156 29.41 30.40 -17.85
N LEU D 157 28.39 29.91 -17.17
CA LEU D 157 27.06 29.77 -17.73
C LEU D 157 26.17 30.83 -17.09
N ASN D 158 25.45 31.58 -17.90
CA ASN D 158 24.66 32.70 -17.40
C ASN D 158 23.34 32.76 -18.15
N ASN D 159 22.28 33.11 -17.40
CA ASN D 159 20.93 33.37 -17.90
C ASN D 159 20.35 32.15 -18.63
N PHE D 160 20.15 31.09 -17.86
CA PHE D 160 19.56 29.86 -18.38
C PHE D 160 18.59 29.28 -17.37
N TYR D 161 17.82 28.30 -17.82
CA TYR D 161 16.80 27.65 -17.00
C TYR D 161 16.47 26.30 -17.63
N PRO D 162 16.37 25.22 -16.85
CA PRO D 162 16.56 25.09 -15.40
C PRO D 162 18.01 24.88 -14.99
N ARG D 163 18.22 24.38 -13.77
CA ARG D 163 19.58 24.27 -13.22
C ARG D 163 20.35 23.12 -13.85
N GLU D 164 19.66 22.05 -14.24
CA GLU D 164 20.33 20.81 -14.61
C GLU D 164 21.05 20.90 -15.96
N ALA D 165 22.32 21.26 -15.91
CA ALA D 165 23.24 21.22 -17.04
C ALA D 165 24.39 20.28 -16.70
N LYS D 166 25.31 20.11 -17.63
CA LYS D 166 26.42 19.17 -17.44
C LYS D 166 27.61 19.69 -18.25
N VAL D 167 28.53 20.36 -17.59
CA VAL D 167 29.74 20.85 -18.23
C VAL D 167 30.81 19.78 -18.16
N GLN D 168 31.51 19.58 -19.28
CA GLN D 168 32.56 18.58 -19.39
C GLN D 168 33.81 19.26 -19.92
N TRP D 169 34.88 19.23 -19.14
CA TRP D 169 36.15 19.81 -19.55
C TRP D 169 36.85 18.85 -20.51
N LYS D 170 37.29 19.36 -21.65
CA LYS D 170 37.95 18.56 -22.66
C LYS D 170 39.43 18.89 -22.70
N VAL D 171 40.25 17.99 -22.22
CA VAL D 171 41.70 18.02 -22.40
C VAL D 171 42.08 16.84 -23.27
N ASP D 172 42.63 17.14 -24.46
CA ASP D 172 42.91 16.18 -25.54
C ASP D 172 41.65 15.40 -25.92
N ASN D 173 40.52 16.13 -25.98
CA ASN D 173 39.20 15.61 -26.37
C ASN D 173 38.75 14.44 -25.49
N ALA D 174 38.93 14.58 -24.19
CA ALA D 174 38.60 13.53 -23.24
C ALA D 174 38.03 14.15 -21.97
N LEU D 175 37.38 13.31 -21.17
CA LEU D 175 36.79 13.75 -19.92
C LEU D 175 37.86 13.92 -18.86
N GLN D 176 37.69 14.92 -18.01
CA GLN D 176 38.62 15.22 -16.90
C GLN D 176 37.82 15.20 -15.62
N SER D 177 37.68 14.01 -15.03
CA SER D 177 36.91 13.85 -13.79
C SER D 177 37.84 13.97 -12.59
N GLY D 178 37.31 14.55 -11.51
CA GLY D 178 38.05 14.74 -10.29
C GLY D 178 38.72 16.09 -10.15
N ASN D 179 39.00 16.76 -11.27
CA ASN D 179 39.65 18.07 -11.25
C ASN D 179 38.69 19.23 -11.44
N SER D 180 37.43 18.95 -11.75
CA SER D 180 36.42 19.99 -11.90
C SER D 180 35.75 20.30 -10.57
N GLN D 181 35.13 21.48 -10.50
CA GLN D 181 34.49 21.93 -9.27
C GLN D 181 33.39 22.91 -9.66
N GLU D 182 32.15 22.43 -9.64
CA GLU D 182 31.01 23.23 -10.06
C GLU D 182 30.46 24.05 -8.89
N SER D 183 29.74 25.11 -9.23
CA SER D 183 29.13 25.98 -8.22
C SER D 183 27.92 26.68 -8.87
N VAL D 184 26.73 26.18 -8.57
CA VAL D 184 25.50 26.81 -9.04
C VAL D 184 25.07 27.86 -8.04
N THR D 185 24.29 28.83 -8.51
CA THR D 185 23.83 29.93 -7.70
C THR D 185 22.37 29.73 -7.33
N GLU D 186 21.83 30.69 -6.57
CA GLU D 186 20.42 30.67 -6.18
C GLU D 186 19.57 31.23 -7.32
N GLN D 187 18.30 31.49 -7.04
CA GLN D 187 17.37 31.93 -8.07
C GLN D 187 17.32 33.45 -8.12
N ASP D 188 17.38 34.00 -9.33
CA ASP D 188 17.32 35.45 -9.50
C ASP D 188 15.90 35.93 -9.23
N SER D 189 15.80 37.16 -8.73
CA SER D 189 14.51 37.77 -8.41
C SER D 189 13.98 38.65 -9.53
N LYS D 190 14.76 38.85 -10.60
CA LYS D 190 14.35 39.72 -11.69
C LYS D 190 13.66 38.94 -12.80
N ASP D 191 14.28 37.85 -13.26
CA ASP D 191 13.75 37.05 -14.35
C ASP D 191 13.73 35.56 -14.05
N SER D 192 14.04 35.16 -12.81
CA SER D 192 13.98 33.77 -12.32
C SER D 192 14.86 32.83 -13.14
N THR D 193 16.08 33.26 -13.41
CA THR D 193 17.04 32.46 -14.14
C THR D 193 18.23 32.11 -13.24
N TYR D 194 19.09 31.24 -13.74
CA TYR D 194 20.18 30.67 -12.97
C TYR D 194 21.53 31.04 -13.59
N SER D 195 22.60 30.64 -12.91
CA SER D 195 23.96 30.83 -13.39
C SER D 195 24.83 29.72 -12.83
N LEU D 196 25.91 29.40 -13.56
CA LEU D 196 26.80 28.32 -13.19
C LEU D 196 28.23 28.74 -13.48
N SER D 197 29.15 28.24 -12.65
CA SER D 197 30.57 28.58 -12.82
C SER D 197 31.39 27.36 -12.41
N SER D 198 31.75 26.55 -13.39
CA SER D 198 32.69 25.47 -13.14
C SER D 198 34.10 26.03 -12.98
N THR D 199 34.92 25.32 -12.22
CA THR D 199 36.27 25.78 -11.92
C THR D 199 37.20 24.58 -11.97
N LEU D 200 38.05 24.54 -13.00
CA LEU D 200 39.01 23.45 -13.17
C LEU D 200 40.30 23.86 -12.48
N THR D 201 40.39 23.54 -11.19
CA THR D 201 41.59 23.86 -10.42
C THR D 201 42.71 22.91 -10.79
N LEU D 202 43.82 23.47 -11.27
CA LEU D 202 44.98 22.69 -11.67
C LEU D 202 46.25 23.31 -11.10
N SER D 203 47.33 22.55 -11.23
CA SER D 203 48.67 23.01 -10.87
C SER D 203 49.27 23.80 -12.03
N LYS D 204 50.59 23.99 -12.03
CA LYS D 204 51.28 24.69 -13.10
C LYS D 204 51.51 23.79 -14.35
N ALA D 205 50.75 22.70 -14.48
CA ALA D 205 50.73 21.85 -15.66
C ALA D 205 49.85 22.41 -16.78
N ASP D 206 49.49 23.70 -16.72
CA ASP D 206 48.78 24.33 -17.82
C ASP D 206 49.66 24.49 -19.06
N TYR D 207 50.98 24.50 -18.89
CA TYR D 207 51.90 24.67 -20.00
C TYR D 207 52.26 23.35 -20.68
N GLU D 208 52.82 22.40 -19.93
CA GLU D 208 53.40 21.21 -20.53
C GLU D 208 52.37 20.16 -20.93
N LYS D 209 51.10 20.34 -20.58
CA LYS D 209 50.06 19.44 -21.05
C LYS D 209 49.53 19.93 -22.40
N HIS D 210 48.40 19.39 -22.84
CA HIS D 210 47.87 19.67 -24.17
C HIS D 210 47.36 21.11 -24.27
N LYS D 211 47.52 21.69 -25.46
CA LYS D 211 47.23 23.10 -25.69
C LYS D 211 45.74 23.38 -25.84
N VAL D 212 44.90 22.37 -25.92
CA VAL D 212 43.46 22.57 -26.02
C VAL D 212 42.88 22.79 -24.63
N TYR D 213 42.03 23.81 -24.49
CA TYR D 213 41.37 24.14 -23.23
C TYR D 213 39.94 24.57 -23.56
N ALA D 214 39.02 23.63 -23.51
CA ALA D 214 37.63 23.87 -23.88
C ALA D 214 36.72 23.09 -22.96
N CYS D 215 35.55 23.66 -22.67
CA CYS D 215 34.53 23.01 -21.86
C CYS D 215 33.30 22.75 -22.70
N GLU D 216 32.85 21.51 -22.69
CA GLU D 216 31.68 21.08 -23.46
C GLU D 216 30.51 20.94 -22.50
N VAL D 217 29.53 21.84 -22.61
CA VAL D 217 28.35 21.83 -21.75
C VAL D 217 27.14 21.52 -22.62
N THR D 218 26.19 20.79 -22.05
CA THR D 218 24.95 20.47 -22.73
C THR D 218 23.77 21.04 -21.95
N HIS D 219 22.67 21.25 -22.66
CA HIS D 219 21.47 21.87 -22.10
C HIS D 219 20.31 21.52 -23.01
N GLN D 220 19.10 21.58 -22.46
CA GLN D 220 17.92 21.23 -23.24
C GLN D 220 17.62 22.27 -24.31
N GLY D 221 17.91 23.54 -24.04
CA GLY D 221 17.73 24.57 -25.05
C GLY D 221 18.77 24.60 -26.13
N LEU D 222 19.87 23.88 -25.96
CA LEU D 222 20.95 23.82 -26.93
C LEU D 222 20.87 22.50 -27.70
N SER D 223 20.79 22.60 -29.03
CA SER D 223 20.80 21.40 -29.86
C SER D 223 22.18 20.76 -29.86
N SER D 224 23.17 21.48 -30.36
CA SER D 224 24.57 21.09 -30.33
C SER D 224 25.23 21.64 -29.07
N PRO D 225 26.13 20.89 -28.46
CA PRO D 225 26.83 21.38 -27.26
C PRO D 225 27.75 22.55 -27.61
N VAL D 226 27.43 23.72 -27.05
CA VAL D 226 28.22 24.92 -27.30
C VAL D 226 29.55 24.79 -26.58
N THR D 227 30.63 24.75 -27.34
CA THR D 227 31.98 24.52 -26.81
C THR D 227 32.83 25.75 -27.10
N LYS D 228 33.21 26.46 -26.05
CA LYS D 228 34.10 27.62 -26.17
C LYS D 228 35.52 27.20 -25.81
N SER D 229 36.48 27.66 -26.59
CA SER D 229 37.87 27.23 -26.46
C SER D 229 38.79 28.44 -26.45
N PHE D 230 39.96 28.26 -25.85
CA PHE D 230 41.05 29.23 -25.93
C PHE D 230 42.36 28.47 -25.98
N ASN D 231 43.37 29.14 -26.54
CA ASN D 231 44.71 28.58 -26.64
C ASN D 231 45.71 29.67 -26.24
N ARG D 232 46.99 29.42 -26.53
CA ARG D 232 48.17 30.27 -26.25
C ARG D 232 48.18 30.99 -24.91
OE1 THH E . -24.14 -31.72 5.46
CD THH E . -23.20 -32.46 6.01
OE2 THH E . -22.46 -31.96 6.88
CG THH E . -23.02 -33.93 5.61
CB THH E . -24.36 -34.70 5.78
CA THH E . -25.10 -34.79 4.42
CT THH E . -24.18 -35.48 3.37
O1 THH E . -24.19 -36.72 3.25
O2 THH E . -23.41 -34.76 2.63
N THH E . -26.29 -35.56 4.56
C THH E . -27.64 -34.85 4.45
O THH E . -27.68 -33.67 4.25
C12 THH E . -28.97 -35.66 4.60
C13 THH E . -30.13 -35.16 4.02
C14 THH E . -31.29 -35.87 4.15
C15 THH E . -31.31 -37.05 4.85
C16 THH E . -30.15 -37.54 5.42
C17 THH E . -28.99 -36.84 5.30
N10 THH E . -32.55 -37.78 4.98
C9 THH E . -32.59 -39.16 5.60
C6 THH E . -33.02 -39.05 7.18
C7 THH E . -33.64 -37.70 7.47
N8 THH E . -34.94 -37.54 6.95
C8A THH E . -35.85 -38.73 6.88
N1 THH E . -37.13 -38.58 6.56
C4A THH E . -35.34 -39.99 7.15
N5 THH E . -33.87 -40.10 7.51
C11 THH E . -33.73 -40.30 8.93
C4 THH E . -36.18 -41.08 7.09
O4 THH E . -35.79 -42.18 7.31
N3 THH E . -37.47 -40.92 6.76
C2 THH E . -37.96 -39.68 6.49
NA2 THH E . -39.36 -39.53 6.15
#